data_3MLX
#
_entry.id   3MLX
#
_cell.length_a   59.870
_cell.length_b   128.796
_cell.length_c   60.189
_cell.angle_alpha   90.000
_cell.angle_beta   92.660
_cell.angle_gamma   90.000
#
_symmetry.space_group_name_H-M   'P 1 21 1'
#
loop_
_entity.id
_entity.type
_entity.pdbx_description
1 polymer 'Human monoclonal anti-HIV-1 gp120 V3 antibody 3074 Fab light chain'
2 polymer 'Human monoclonal anti-HIV-1 gp120 V3 antibody 3074 Fab heavy chain'
3 polymer 'HIV-1 gp120 third variable region (V3) crown'
4 water water
#
loop_
_entity_poly.entity_id
_entity_poly.type
_entity_poly.pdbx_seq_one_letter_code
_entity_poly.pdbx_strand_id
1 'polypeptide(L)'
;SVLTQPPSVSAAPGQKVTISCSGSSSNIGNNMVSWYQQHPGTAPKLLIYENSKRPSGIPDRFSGSRSGTSATLGIIGLQT
GDEAEYYCATWDGSLRTVFGGGTKLTVLSQPKAAPSVTLFPPSSEELQANKATLVCLISDFYPGAVTVAWKADSSPVRAG
VETTTPSKQSNNKYAASSYLSLTPEQWKSHRSYSCQVTHEGSTVEKTVAPT
;
L,M
2 'polypeptide(L)'
;QVQLQESGPGLVKPSETLSLTCTVSGGSISGFHWSWIRQPPGKGLEYIGYIYYSGSTSYNPSLKSRVSMSVDTSRNQFSL
ELSSVTAADTAVYYCARDFGEYHYDGRGFQCEGFDLWGQGTLVTVSSASTKGPSVFPLAPSSKSTSGGTAALGCLVKDYF
PEPVTVSWNSGALTSGVHTFPAVLQSSGLYSLSSVVTVPSSSLGTQTYICNVNHKPSNTKVDKKVEPK
;
H,I
3 'polypeptide(L)' YNKRKRIHIGPGRAFYTTKNIIG P,Q
#
# COMPACT_ATOMS: atom_id res chain seq x y z
N SER A 1 -13.65 -17.57 -17.43
CA SER A 1 -13.09 -17.99 -16.12
C SER A 1 -14.14 -18.77 -15.33
N VAL A 2 -13.71 -19.44 -14.26
CA VAL A 2 -14.60 -20.24 -13.44
C VAL A 2 -15.68 -19.38 -12.77
N LEU A 3 -15.29 -18.26 -12.18
CA LEU A 3 -16.27 -17.38 -11.56
C LEU A 3 -16.51 -16.20 -12.48
N THR A 4 -17.77 -15.82 -12.64
CA THR A 4 -18.13 -14.71 -13.54
C THR A 4 -18.85 -13.57 -12.82
N GLN A 5 -18.44 -12.34 -13.14
CA GLN A 5 -19.05 -11.13 -12.56
C GLN A 5 -19.32 -10.14 -13.69
N PRO A 6 -20.31 -9.25 -13.51
CA PRO A 6 -20.56 -8.27 -14.58
C PRO A 6 -19.34 -7.34 -14.55
N PRO A 7 -18.86 -6.93 -15.73
CA PRO A 7 -17.68 -6.05 -15.74
C PRO A 7 -17.85 -4.74 -14.99
N SER A 8 -19.07 -4.20 -14.94
CA SER A 8 -19.25 -2.94 -14.24
C SER A 8 -20.66 -2.67 -13.71
N VAL A 9 -20.71 -1.87 -12.65
CA VAL A 9 -21.96 -1.49 -12.01
C VAL A 9 -21.78 -0.04 -11.57
N SER A 10 -22.88 0.71 -11.50
CA SER A 10 -22.81 2.10 -11.09
C SER A 10 -24.13 2.58 -10.54
N ALA A 11 -24.06 3.62 -9.72
CA ALA A 11 -25.23 4.24 -9.11
C ALA A 11 -24.79 5.58 -8.58
N ALA A 12 -25.74 6.44 -8.24
CA ALA A 12 -25.43 7.76 -7.73
C ALA A 12 -25.03 7.66 -6.27
N PRO A 13 -24.28 8.65 -5.76
CA PRO A 13 -23.90 8.56 -4.35
C PRO A 13 -25.15 8.52 -3.47
N GLY A 14 -25.11 7.73 -2.42
CA GLY A 14 -26.26 7.60 -1.54
C GLY A 14 -27.15 6.46 -1.97
N GLN A 15 -26.95 5.95 -3.17
CA GLN A 15 -27.75 4.84 -3.67
C GLN A 15 -27.14 3.51 -3.27
N LYS A 16 -27.80 2.42 -3.63
CA LYS A 16 -27.31 1.08 -3.31
C LYS A 16 -27.15 0.25 -4.58
N VAL A 17 -26.27 -0.74 -4.53
CA VAL A 17 -26.04 -1.60 -5.68
C VAL A 17 -25.74 -3.03 -5.23
N THR A 18 -25.79 -3.96 -6.19
CA THR A 18 -25.48 -5.35 -5.91
C THR A 18 -24.54 -5.81 -7.02
N ILE A 19 -23.66 -6.76 -6.69
CA ILE A 19 -22.72 -7.29 -7.67
C ILE A 19 -22.81 -8.82 -7.64
N SER A 20 -23.15 -9.41 -8.79
CA SER A 20 -23.29 -10.86 -8.90
C SER A 20 -21.98 -11.59 -9.12
N CYS A 21 -21.92 -12.81 -8.62
CA CYS A 21 -20.75 -13.67 -8.76
C CYS A 21 -21.33 -15.03 -9.15
N SER A 22 -21.21 -15.38 -10.43
CA SER A 22 -21.74 -16.62 -10.95
C SER A 22 -20.72 -17.75 -10.94
N GLY A 23 -21.06 -18.84 -10.24
CA GLY A 23 -20.16 -19.97 -10.15
C GLY A 23 -20.85 -21.26 -10.59
N SER A 24 -20.48 -22.37 -9.95
CA SER A 24 -21.07 -23.66 -10.27
C SER A 24 -20.91 -24.64 -9.12
N SER A 25 -21.40 -25.85 -9.30
CA SER A 25 -21.32 -26.86 -8.25
C SER A 25 -19.88 -27.15 -7.80
N SER A 26 -18.91 -26.93 -8.70
CA SER A 26 -17.51 -27.19 -8.37
C SER A 26 -16.87 -26.16 -7.45
N ASN A 27 -17.49 -24.99 -7.30
CA ASN A 27 -16.94 -23.97 -6.43
C ASN A 27 -17.94 -23.45 -5.39
N ILE A 28 -18.70 -22.42 -5.74
CA ILE A 28 -19.68 -21.85 -4.80
C ILE A 28 -20.65 -22.89 -4.23
N GLY A 29 -21.00 -23.89 -5.04
CA GLY A 29 -21.91 -24.91 -4.58
C GLY A 29 -21.38 -25.72 -3.41
N ASN A 30 -20.06 -25.75 -3.23
CA ASN A 30 -19.46 -26.54 -2.15
C ASN A 30 -18.55 -25.76 -1.21
N ASN A 31 -18.18 -24.55 -1.60
CA ASN A 31 -17.29 -23.72 -0.78
C ASN A 31 -17.81 -22.30 -0.59
N MET A 32 -17.36 -21.67 0.48
CA MET A 32 -17.79 -20.33 0.85
C MET A 32 -17.05 -19.21 0.13
N VAL A 33 -17.78 -18.16 -0.20
CA VAL A 33 -17.23 -17.03 -0.94
C VAL A 33 -16.67 -15.88 -0.10
N SER A 34 -15.61 -15.27 -0.60
CA SER A 34 -14.97 -14.12 0.04
C SER A 34 -14.97 -13.01 -1.01
N TRP A 35 -15.01 -11.75 -0.57
CA TRP A 35 -15.01 -10.63 -1.50
C TRP A 35 -13.90 -9.63 -1.19
N TYR A 36 -13.42 -8.95 -2.22
CA TYR A 36 -12.34 -7.98 -2.04
C TYR A 36 -12.64 -6.66 -2.74
N GLN A 37 -12.04 -5.60 -2.21
CA GLN A 37 -12.17 -4.27 -2.77
C GLN A 37 -10.76 -3.87 -3.14
N GLN A 38 -10.56 -3.44 -4.37
CA GLN A 38 -9.22 -3.03 -4.78
C GLN A 38 -9.20 -1.68 -5.47
N HIS A 39 -8.45 -0.75 -4.89
CA HIS A 39 -8.27 0.57 -5.48
C HIS A 39 -7.01 0.40 -6.33
N PRO A 40 -7.08 0.71 -7.62
CA PRO A 40 -5.90 0.56 -8.49
C PRO A 40 -4.62 1.13 -7.88
N GLY A 41 -3.56 0.32 -7.90
CA GLY A 41 -2.29 0.77 -7.33
C GLY A 41 -2.02 0.14 -5.97
N THR A 42 -3.06 -0.40 -5.34
CA THR A 42 -2.91 -1.03 -4.04
C THR A 42 -3.47 -2.45 -4.01
N ALA A 43 -3.08 -3.20 -2.99
CA ALA A 43 -3.52 -4.60 -2.84
C ALA A 43 -5.00 -4.76 -2.53
N PRO A 44 -5.58 -5.91 -2.93
CA PRO A 44 -7.00 -6.16 -2.66
C PRO A 44 -7.19 -6.14 -1.14
N LYS A 45 -8.40 -5.81 -0.70
CA LYS A 45 -8.70 -5.77 0.71
C LYS A 45 -9.91 -6.66 1.00
N LEU A 46 -9.78 -7.55 1.99
CA LEU A 46 -10.87 -8.46 2.32
C LEU A 46 -12.08 -7.66 2.84
N LEU A 47 -13.24 -7.87 2.20
CA LEU A 47 -14.48 -7.20 2.57
C LEU A 47 -15.46 -8.16 3.24
N ILE A 48 -15.57 -9.35 2.67
CA ILE A 48 -16.50 -10.38 3.16
C ILE A 48 -15.83 -11.74 3.08
N TYR A 49 -16.15 -12.60 4.06
CA TYR A 49 -15.62 -13.96 4.06
C TYR A 49 -16.75 -14.87 4.56
N GLU A 50 -16.63 -16.16 4.29
CA GLU A 50 -17.64 -17.13 4.66
C GLU A 50 -19.04 -16.65 4.22
N ASN A 51 -19.09 -16.24 2.96
CA ASN A 51 -20.31 -15.76 2.30
C ASN A 51 -20.89 -14.43 2.78
N SER A 52 -20.96 -14.24 4.08
CA SER A 52 -21.58 -13.04 4.62
C SER A 52 -20.93 -12.38 5.83
N LYS A 53 -19.81 -12.92 6.29
CA LYS A 53 -19.16 -12.31 7.45
C LYS A 53 -18.28 -11.14 7.06
N ARG A 54 -18.35 -10.12 7.90
CA ARG A 54 -17.61 -8.90 7.70
C ARG A 54 -16.45 -8.77 8.69
N PRO A 55 -15.22 -8.60 8.18
CA PRO A 55 -14.11 -8.47 9.14
C PRO A 55 -14.17 -7.12 9.84
N SER A 56 -13.49 -6.99 10.97
CA SER A 56 -13.46 -5.74 11.71
C SER A 56 -12.89 -4.62 10.86
N GLY A 57 -13.56 -3.47 10.87
CA GLY A 57 -13.09 -2.34 10.08
C GLY A 57 -13.93 -2.08 8.84
N ILE A 58 -14.65 -3.10 8.40
CA ILE A 58 -15.50 -2.95 7.22
C ILE A 58 -16.90 -2.55 7.69
N PRO A 59 -17.40 -1.41 7.22
CA PRO A 59 -18.74 -0.94 7.61
C PRO A 59 -19.87 -1.88 7.20
N ASP A 60 -20.93 -1.88 8.00
CA ASP A 60 -22.09 -2.73 7.76
C ASP A 60 -22.85 -2.45 6.48
N ARG A 61 -22.50 -1.38 5.77
CA ARG A 61 -23.21 -1.10 4.52
C ARG A 61 -22.70 -2.02 3.41
N PHE A 62 -21.71 -2.86 3.75
CA PHE A 62 -21.20 -3.85 2.81
C PHE A 62 -21.76 -5.18 3.32
N SER A 63 -22.36 -5.96 2.43
CA SER A 63 -22.91 -7.24 2.86
C SER A 63 -22.69 -8.30 1.79
N GLY A 64 -22.78 -9.55 2.20
CA GLY A 64 -22.60 -10.64 1.26
C GLY A 64 -23.59 -11.76 1.52
N SER A 65 -23.97 -12.44 0.46
CA SER A 65 -24.89 -13.56 0.57
C SER A 65 -24.56 -14.57 -0.51
N ARG A 66 -24.99 -15.80 -0.30
CA ARG A 66 -24.75 -16.87 -1.25
C ARG A 66 -26.03 -17.68 -1.39
N SER A 67 -26.34 -18.09 -2.61
CA SER A 67 -27.53 -18.87 -2.86
C SER A 67 -27.26 -19.80 -4.03
N GLY A 68 -27.45 -21.09 -3.80
CA GLY A 68 -27.22 -22.06 -4.85
C GLY A 68 -25.76 -22.06 -5.25
N THR A 69 -25.49 -21.71 -6.50
CA THR A 69 -24.12 -21.66 -6.99
C THR A 69 -23.74 -20.24 -7.39
N SER A 70 -24.36 -19.26 -6.74
CA SER A 70 -24.08 -17.85 -7.02
C SER A 70 -23.94 -17.12 -5.68
N ALA A 71 -23.30 -15.95 -5.72
CA ALA A 71 -23.10 -15.14 -4.53
C ALA A 71 -23.40 -13.68 -4.88
N THR A 72 -23.60 -12.85 -3.86
CA THR A 72 -23.93 -11.45 -4.10
C THR A 72 -23.27 -10.50 -3.09
N LEU A 73 -22.71 -9.41 -3.60
CA LEU A 73 -22.11 -8.39 -2.75
C LEU A 73 -23.06 -7.19 -2.82
N GLY A 74 -23.48 -6.70 -1.66
CA GLY A 74 -24.37 -5.56 -1.63
C GLY A 74 -23.69 -4.36 -1.01
N ILE A 75 -23.87 -3.18 -1.61
CA ILE A 75 -23.27 -1.96 -1.07
C ILE A 75 -24.36 -0.90 -0.98
N ILE A 76 -24.59 -0.43 0.25
CA ILE A 76 -25.59 0.59 0.54
C ILE A 76 -24.92 1.94 0.84
N GLY A 77 -25.65 3.03 0.57
CA GLY A 77 -25.12 4.36 0.84
C GLY A 77 -23.80 4.66 0.15
N LEU A 78 -23.78 4.48 -1.17
CA LEU A 78 -22.57 4.71 -1.95
C LEU A 78 -21.90 6.04 -1.66
N GLN A 79 -20.57 5.98 -1.57
CA GLN A 79 -19.75 7.16 -1.33
C GLN A 79 -18.69 7.15 -2.42
N THR A 80 -18.18 8.31 -2.80
CA THR A 80 -17.17 8.37 -3.85
C THR A 80 -15.99 7.44 -3.57
N GLY A 81 -15.63 7.31 -2.29
CA GLY A 81 -14.53 6.46 -1.90
C GLY A 81 -14.72 4.98 -2.19
N ASP A 82 -15.96 4.58 -2.47
CA ASP A 82 -16.26 3.18 -2.76
C ASP A 82 -15.88 2.79 -4.19
N GLU A 83 -15.57 3.76 -5.04
CA GLU A 83 -15.19 3.44 -6.41
C GLU A 83 -13.92 2.61 -6.38
N ALA A 84 -14.00 1.43 -6.98
CA ALA A 84 -12.87 0.51 -7.01
C ALA A 84 -13.30 -0.74 -7.78
N GLU A 85 -12.41 -1.71 -7.84
CA GLU A 85 -12.70 -2.97 -8.51
C GLU A 85 -13.05 -3.96 -7.42
N TYR A 86 -14.15 -4.69 -7.60
CA TYR A 86 -14.59 -5.67 -6.62
C TYR A 86 -14.47 -7.08 -7.17
N TYR A 87 -13.94 -7.99 -6.35
CA TYR A 87 -13.75 -9.38 -6.77
C TYR A 87 -14.32 -10.38 -5.79
N CYS A 88 -14.86 -11.48 -6.32
CA CYS A 88 -15.35 -12.56 -5.48
C CYS A 88 -14.37 -13.71 -5.68
N ALA A 89 -14.31 -14.63 -4.72
CA ALA A 89 -13.40 -15.76 -4.85
C ALA A 89 -13.79 -16.89 -3.90
N THR A 90 -13.31 -18.08 -4.23
CA THR A 90 -13.52 -19.27 -3.41
C THR A 90 -12.71 -20.41 -3.99
N TRP A 91 -12.76 -21.56 -3.35
CA TRP A 91 -12.02 -22.73 -3.79
C TRP A 91 -12.83 -23.51 -4.83
N ASP A 92 -12.16 -24.00 -5.86
CA ASP A 92 -12.82 -24.77 -6.91
C ASP A 92 -12.27 -26.20 -6.97
N GLY A 93 -13.15 -27.15 -7.29
CA GLY A 93 -12.77 -28.56 -7.38
C GLY A 93 -11.56 -28.84 -8.26
N SER A 94 -11.20 -27.88 -9.11
CA SER A 94 -10.03 -28.06 -9.97
C SER A 94 -8.77 -27.94 -9.11
N LEU A 95 -8.96 -27.80 -7.80
CA LEU A 95 -7.88 -27.69 -6.82
C LEU A 95 -7.09 -26.38 -6.84
N ARG A 96 -7.81 -25.28 -6.70
CA ARG A 96 -7.19 -23.96 -6.67
C ARG A 96 -8.23 -22.93 -6.28
N THR A 97 -7.76 -21.77 -5.84
CA THR A 97 -8.64 -20.68 -5.46
C THR A 97 -8.89 -19.96 -6.78
N VAL A 98 -10.13 -19.57 -7.03
CA VAL A 98 -10.46 -18.86 -8.26
C VAL A 98 -11.11 -17.53 -7.93
N PHE A 99 -10.82 -16.51 -8.74
CA PHE A 99 -11.36 -15.17 -8.58
C PHE A 99 -12.28 -14.85 -9.75
N GLY A 100 -13.31 -14.05 -9.51
CA GLY A 100 -14.18 -13.64 -10.61
C GLY A 100 -13.35 -12.61 -11.37
N GLY A 101 -13.77 -12.24 -12.57
CA GLY A 101 -13.01 -11.28 -13.36
C GLY A 101 -12.96 -9.86 -12.83
N GLY A 102 -13.76 -9.57 -11.80
CA GLY A 102 -13.77 -8.23 -11.23
C GLY A 102 -14.86 -7.32 -11.79
N THR A 103 -15.45 -6.52 -10.90
CA THR A 103 -16.49 -5.58 -11.28
C THR A 103 -16.02 -4.17 -10.94
N LYS A 104 -16.10 -3.26 -11.89
CA LYS A 104 -15.71 -1.88 -11.62
C LYS A 104 -16.94 -1.14 -11.13
N LEU A 105 -16.85 -0.57 -9.94
CA LEU A 105 -17.96 0.18 -9.39
C LEU A 105 -17.73 1.66 -9.59
N THR A 106 -18.67 2.31 -10.26
CA THR A 106 -18.58 3.74 -10.50
C THR A 106 -19.68 4.45 -9.71
N VAL A 107 -19.32 5.52 -9.02
CA VAL A 107 -20.28 6.33 -8.26
C VAL A 107 -20.54 7.53 -9.16
N LEU A 108 -21.65 7.47 -9.87
CA LEU A 108 -22.04 8.50 -10.83
C LEU A 108 -21.89 9.95 -10.36
N SER A 109 -21.00 10.68 -11.02
CA SER A 109 -20.74 12.08 -10.71
C SER A 109 -20.98 12.97 -11.94
N GLN A 110 -21.46 12.35 -13.02
CA GLN A 110 -21.76 13.07 -14.24
C GLN A 110 -22.61 12.16 -15.12
N PRO A 111 -23.28 12.72 -16.13
CA PRO A 111 -24.13 11.94 -17.03
C PRO A 111 -23.36 10.85 -17.77
N LYS A 112 -24.00 9.71 -17.98
CA LYS A 112 -23.35 8.62 -18.70
C LYS A 112 -23.16 9.12 -20.13
N ALA A 113 -22.05 8.70 -20.76
CA ALA A 113 -21.76 9.12 -22.11
C ALA A 113 -21.22 7.95 -22.92
N ALA A 114 -21.77 7.79 -24.12
CA ALA A 114 -21.36 6.71 -25.02
C ALA A 114 -19.98 7.04 -25.58
N PRO A 115 -19.21 6.01 -25.93
CA PRO A 115 -17.87 6.24 -26.48
C PRO A 115 -17.82 6.65 -27.95
N SER A 116 -16.85 7.49 -28.28
CA SER A 116 -16.65 7.90 -29.65
C SER A 116 -15.60 6.89 -30.12
N VAL A 117 -15.78 6.32 -31.29
CA VAL A 117 -14.83 5.33 -31.78
C VAL A 117 -14.24 5.70 -33.12
N THR A 118 -12.91 5.62 -33.20
CA THR A 118 -12.19 5.90 -34.43
C THR A 118 -11.32 4.68 -34.72
N LEU A 119 -11.46 4.11 -35.90
CA LEU A 119 -10.68 2.93 -36.28
C LEU A 119 -9.82 3.19 -37.50
N PHE A 120 -8.53 2.86 -37.40
CA PHE A 120 -7.59 3.06 -38.50
C PHE A 120 -7.08 1.70 -39.00
N PRO A 121 -6.96 1.56 -40.32
CA PRO A 121 -6.47 0.31 -40.90
C PRO A 121 -4.95 0.32 -40.86
N PRO A 122 -4.30 -0.79 -41.24
CA PRO A 122 -2.83 -0.81 -41.23
C PRO A 122 -2.33 0.22 -42.23
N SER A 123 -1.23 0.91 -41.92
CA SER A 123 -0.67 1.90 -42.82
C SER A 123 0.09 1.17 -43.94
N SER A 124 0.25 1.83 -45.08
CA SER A 124 0.98 1.22 -46.18
C SER A 124 2.43 1.01 -45.75
N GLU A 125 2.92 1.91 -44.89
CA GLU A 125 4.29 1.83 -44.37
C GLU A 125 4.49 0.59 -43.50
N GLU A 126 3.54 0.32 -42.61
CA GLU A 126 3.66 -0.85 -41.74
C GLU A 126 3.57 -2.12 -42.59
N LEU A 127 2.70 -2.10 -43.59
CA LEU A 127 2.54 -3.25 -44.46
C LEU A 127 3.84 -3.55 -45.22
N GLN A 128 4.61 -2.51 -45.54
CA GLN A 128 5.86 -2.72 -46.26
C GLN A 128 6.89 -3.31 -45.32
N ALA A 129 6.61 -3.24 -44.02
CA ALA A 129 7.50 -3.81 -43.01
C ALA A 129 6.98 -5.20 -42.69
N ASN A 130 6.03 -5.66 -43.49
CA ASN A 130 5.42 -6.98 -43.34
C ASN A 130 4.65 -7.17 -42.03
N LYS A 131 4.03 -6.09 -41.58
CA LYS A 131 3.25 -6.10 -40.34
C LYS A 131 1.90 -5.43 -40.60
N ALA A 132 0.96 -5.61 -39.68
CA ALA A 132 -0.35 -5.00 -39.82
C ALA A 132 -1.00 -4.85 -38.46
N THR A 133 -1.37 -3.62 -38.13
CA THR A 133 -2.00 -3.32 -36.86
C THR A 133 -3.25 -2.45 -37.08
N LEU A 134 -4.38 -2.91 -36.54
CA LEU A 134 -5.62 -2.15 -36.61
C LEU A 134 -5.68 -1.39 -35.30
N VAL A 135 -5.90 -0.07 -35.38
CA VAL A 135 -5.94 0.76 -34.19
C VAL A 135 -7.33 1.30 -33.90
N CYS A 136 -7.90 0.92 -32.76
CA CYS A 136 -9.23 1.34 -32.38
C CYS A 136 -9.13 2.27 -31.17
N LEU A 137 -9.37 3.55 -31.40
CA LEU A 137 -9.29 4.55 -30.35
C LEU A 137 -10.69 4.86 -29.83
N ILE A 138 -10.84 4.75 -28.51
CA ILE A 138 -12.12 4.94 -27.82
C ILE A 138 -12.03 6.08 -26.82
N SER A 139 -12.91 7.07 -26.94
CA SER A 139 -12.87 8.20 -26.02
C SER A 139 -14.21 8.80 -25.59
N ASP A 140 -14.13 9.72 -24.65
CA ASP A 140 -15.29 10.42 -24.11
C ASP A 140 -16.41 9.54 -23.57
N PHE A 141 -16.09 8.44 -22.92
CA PHE A 141 -17.13 7.60 -22.37
C PHE A 141 -17.16 7.64 -20.84
N TYR A 142 -18.35 7.41 -20.28
CA TYR A 142 -18.53 7.41 -18.83
C TYR A 142 -19.81 6.64 -18.52
N PRO A 143 -19.77 5.72 -17.54
CA PRO A 143 -18.64 5.32 -16.69
C PRO A 143 -17.44 4.82 -17.50
N GLY A 144 -16.28 4.74 -16.83
CA GLY A 144 -15.08 4.30 -17.50
C GLY A 144 -14.88 2.80 -17.60
N ALA A 145 -15.76 2.15 -18.35
CA ALA A 145 -15.68 0.71 -18.54
C ALA A 145 -16.30 0.34 -19.88
N VAL A 146 -15.58 -0.43 -20.68
CA VAL A 146 -16.08 -0.86 -21.97
C VAL A 146 -15.57 -2.26 -22.26
N THR A 147 -16.23 -2.92 -23.20
CA THR A 147 -15.85 -4.26 -23.62
C THR A 147 -15.65 -4.13 -25.12
N VAL A 148 -14.51 -4.60 -25.59
CA VAL A 148 -14.20 -4.50 -27.02
C VAL A 148 -14.20 -5.88 -27.67
N ALA A 149 -14.85 -5.97 -28.81
CA ALA A 149 -14.92 -7.21 -29.58
C ALA A 149 -14.51 -6.86 -31.01
N TRP A 150 -13.70 -7.72 -31.62
CA TRP A 150 -13.26 -7.51 -32.99
C TRP A 150 -13.86 -8.56 -33.91
N LYS A 151 -14.21 -8.15 -35.13
CA LYS A 151 -14.79 -9.05 -36.13
C LYS A 151 -13.96 -9.06 -37.41
N ALA A 152 -13.69 -10.24 -37.94
CA ALA A 152 -12.97 -10.41 -39.20
C ALA A 152 -14.15 -10.75 -40.09
N ASP A 153 -14.54 -9.80 -40.94
CA ASP A 153 -15.71 -9.95 -41.79
C ASP A 153 -16.86 -9.98 -40.77
N SER A 154 -17.49 -11.13 -40.59
CA SER A 154 -18.58 -11.22 -39.63
C SER A 154 -18.27 -12.24 -38.54
N SER A 155 -17.02 -12.67 -38.48
CA SER A 155 -16.59 -13.68 -37.51
C SER A 155 -15.78 -13.08 -36.36
N PRO A 156 -16.02 -13.55 -35.13
CA PRO A 156 -15.29 -13.05 -33.96
C PRO A 156 -13.81 -13.41 -34.01
N VAL A 157 -12.98 -12.54 -33.41
CA VAL A 157 -11.54 -12.78 -33.37
C VAL A 157 -10.97 -12.36 -32.01
N ARG A 158 -10.24 -13.27 -31.36
CA ARG A 158 -9.66 -12.97 -30.06
C ARG A 158 -8.13 -12.90 -30.09
N ALA A 159 -7.53 -13.74 -30.93
CA ALA A 159 -6.08 -13.77 -31.06
C ALA A 159 -5.55 -12.46 -31.64
N GLY A 160 -4.47 -11.95 -31.06
CA GLY A 160 -3.87 -10.72 -31.52
C GLY A 160 -4.47 -9.44 -30.99
N VAL A 161 -5.42 -9.56 -30.06
CA VAL A 161 -6.05 -8.37 -29.47
C VAL A 161 -5.43 -7.93 -28.16
N GLU A 162 -5.09 -6.64 -28.07
CA GLU A 162 -4.49 -6.04 -26.88
C GLU A 162 -5.32 -4.79 -26.58
N THR A 163 -5.95 -4.74 -25.43
CA THR A 163 -6.77 -3.59 -25.06
C THR A 163 -6.30 -2.94 -23.76
N THR A 164 -6.14 -1.61 -23.79
CA THR A 164 -5.68 -0.90 -22.60
C THR A 164 -6.80 -0.70 -21.60
N THR A 165 -6.41 -0.37 -20.37
CA THR A 165 -7.37 -0.10 -19.32
C THR A 165 -7.85 1.32 -19.59
N PRO A 166 -9.10 1.64 -19.22
CA PRO A 166 -9.55 3.02 -19.48
C PRO A 166 -8.78 3.99 -18.57
N SER A 167 -8.50 5.18 -19.09
CA SER A 167 -7.80 6.20 -18.33
C SER A 167 -8.65 7.46 -18.34
N LYS A 168 -8.61 8.20 -17.24
CA LYS A 168 -9.40 9.41 -17.13
C LYS A 168 -8.82 10.53 -17.99
N GLN A 169 -9.65 11.19 -18.77
CA GLN A 169 -9.24 12.28 -19.64
C GLN A 169 -9.26 13.59 -18.84
N SER A 170 -8.75 14.66 -19.43
CA SER A 170 -8.76 15.93 -18.73
C SER A 170 -10.19 16.37 -18.43
N ASN A 171 -11.14 16.01 -19.31
CA ASN A 171 -12.53 16.38 -19.11
C ASN A 171 -13.30 15.41 -18.21
N ASN A 172 -12.56 14.53 -17.55
CA ASN A 172 -13.13 13.54 -16.62
C ASN A 172 -13.88 12.36 -17.22
N LYS A 173 -13.98 12.30 -18.54
CA LYS A 173 -14.60 11.17 -19.18
C LYS A 173 -13.44 10.19 -19.35
N TYR A 174 -13.64 9.08 -20.02
CA TYR A 174 -12.55 8.11 -20.17
C TYR A 174 -12.13 7.75 -21.58
N ALA A 175 -10.89 7.31 -21.71
CA ALA A 175 -10.34 6.90 -22.99
C ALA A 175 -9.68 5.53 -22.87
N ALA A 176 -9.62 4.81 -23.99
CA ALA A 176 -8.99 3.50 -24.02
C ALA A 176 -8.68 3.21 -25.48
N SER A 177 -7.85 2.21 -25.73
CA SER A 177 -7.52 1.85 -27.09
C SER A 177 -7.31 0.36 -27.20
N SER A 178 -7.67 -0.20 -28.34
CA SER A 178 -7.53 -1.62 -28.58
C SER A 178 -6.77 -1.81 -29.89
N TYR A 179 -5.79 -2.69 -29.86
CA TYR A 179 -4.95 -2.98 -31.03
C TYR A 179 -5.12 -4.42 -31.49
N LEU A 180 -5.31 -4.61 -32.79
CA LEU A 180 -5.43 -5.96 -33.34
C LEU A 180 -4.24 -6.16 -34.28
N SER A 181 -3.37 -7.09 -33.91
CA SER A 181 -2.20 -7.39 -34.72
C SER A 181 -2.55 -8.50 -35.69
N LEU A 182 -2.31 -8.25 -36.97
CA LEU A 182 -2.59 -9.21 -38.02
C LEU A 182 -1.40 -9.36 -38.95
N THR A 183 -1.39 -10.44 -39.72
CA THR A 183 -0.33 -10.65 -40.71
C THR A 183 -0.87 -9.91 -41.93
N PRO A 184 0.01 -9.47 -42.83
CA PRO A 184 -0.50 -8.78 -44.02
C PRO A 184 -1.51 -9.63 -44.78
N GLU A 185 -1.30 -10.94 -44.81
CA GLU A 185 -2.22 -11.82 -45.53
C GLU A 185 -3.60 -11.90 -44.89
N GLN A 186 -3.67 -11.84 -43.56
CA GLN A 186 -4.95 -11.88 -42.86
C GLN A 186 -5.73 -10.61 -43.20
N TRP A 187 -5.04 -9.48 -43.16
CA TRP A 187 -5.62 -8.19 -43.45
C TRP A 187 -6.20 -8.14 -44.86
N LYS A 188 -5.41 -8.58 -45.83
CA LYS A 188 -5.84 -8.58 -47.22
C LYS A 188 -6.82 -9.70 -47.58
N SER A 189 -6.85 -10.76 -46.77
CA SER A 189 -7.74 -11.89 -47.04
C SER A 189 -9.16 -11.78 -46.50
N HIS A 190 -9.48 -10.66 -45.86
CA HIS A 190 -10.83 -10.43 -45.36
C HIS A 190 -11.38 -9.19 -46.08
N ARG A 191 -12.70 -9.12 -46.22
CA ARG A 191 -13.32 -7.99 -46.88
C ARG A 191 -13.32 -6.77 -45.97
N SER A 192 -13.30 -7.02 -44.66
CA SER A 192 -13.28 -5.94 -43.68
C SER A 192 -13.07 -6.46 -42.28
N TYR A 193 -12.69 -5.55 -41.38
CA TYR A 193 -12.50 -5.88 -39.98
C TYR A 193 -13.31 -4.85 -39.22
N SER A 194 -13.83 -5.24 -38.05
CA SER A 194 -14.63 -4.32 -37.25
C SER A 194 -14.23 -4.27 -35.79
N CYS A 195 -14.27 -3.06 -35.22
CA CYS A 195 -13.98 -2.85 -33.81
C CYS A 195 -15.31 -2.45 -33.20
N GLN A 196 -15.83 -3.29 -32.31
CA GLN A 196 -17.12 -3.03 -31.68
C GLN A 196 -16.94 -2.78 -30.20
N VAL A 197 -17.32 -1.59 -29.75
CA VAL A 197 -17.19 -1.22 -28.35
C VAL A 197 -18.53 -1.17 -27.66
N THR A 198 -18.70 -2.01 -26.64
CA THR A 198 -19.96 -2.03 -25.89
C THR A 198 -19.81 -1.24 -24.58
N HIS A 199 -20.73 -0.32 -24.38
CA HIS A 199 -20.73 0.53 -23.20
C HIS A 199 -22.17 0.69 -22.74
N GLU A 200 -22.44 0.35 -21.49
CA GLU A 200 -23.79 0.45 -20.94
C GLU A 200 -24.81 -0.26 -21.82
N GLY A 201 -24.43 -1.44 -22.31
CA GLY A 201 -25.34 -2.21 -23.15
C GLY A 201 -25.49 -1.76 -24.59
N SER A 202 -24.92 -0.62 -24.95
CA SER A 202 -25.01 -0.11 -26.32
C SER A 202 -23.68 -0.30 -27.02
N THR A 203 -23.73 -0.74 -28.27
CA THR A 203 -22.51 -0.98 -29.04
C THR A 203 -22.26 0.01 -30.17
N VAL A 204 -21.08 0.62 -30.13
CA VAL A 204 -20.66 1.57 -31.16
C VAL A 204 -19.58 0.84 -31.92
N GLU A 205 -19.75 0.68 -33.23
CA GLU A 205 -18.74 -0.03 -34.00
C GLU A 205 -18.26 0.75 -35.22
N LYS A 206 -17.05 0.43 -35.64
CA LYS A 206 -16.45 1.05 -36.80
C LYS A 206 -15.85 -0.07 -37.63
N THR A 207 -15.83 0.12 -38.95
CA THR A 207 -15.29 -0.88 -39.85
C THR A 207 -14.34 -0.27 -40.88
N VAL A 208 -13.28 -1.00 -41.21
CA VAL A 208 -12.30 -0.58 -42.19
C VAL A 208 -12.07 -1.72 -43.15
N ALA A 209 -11.62 -1.40 -44.37
CA ALA A 209 -11.39 -2.42 -45.39
C ALA A 209 -10.03 -2.19 -46.07
N PRO A 210 -9.40 -3.29 -46.52
CA PRO A 210 -8.09 -3.25 -47.20
C PRO A 210 -8.12 -2.60 -48.58
N THR A 211 -9.23 -2.75 -49.28
CA THR A 211 -9.37 -2.21 -50.62
C THR A 211 -9.12 -0.70 -50.67
N GLN B 1 -1.83 -6.13 13.07
CA GLN B 1 -0.38 -5.93 13.39
C GLN B 1 0.55 -6.76 12.53
N VAL B 2 0.11 -7.95 12.13
CA VAL B 2 0.94 -8.79 11.29
C VAL B 2 1.09 -8.09 9.94
N GLN B 3 2.32 -8.02 9.46
CA GLN B 3 2.59 -7.38 8.17
C GLN B 3 3.38 -8.30 7.25
N LEU B 4 3.07 -8.24 5.96
CA LEU B 4 3.74 -9.05 4.95
C LEU B 4 4.51 -8.14 4.03
N GLN B 5 5.72 -8.56 3.64
CA GLN B 5 6.53 -7.76 2.73
C GLN B 5 7.24 -8.59 1.68
N GLU B 6 6.93 -8.29 0.41
CA GLU B 6 7.56 -9.00 -0.70
C GLU B 6 8.95 -8.45 -1.00
N SER B 7 9.81 -9.32 -1.53
CA SER B 7 11.15 -8.92 -1.91
C SER B 7 11.39 -9.65 -3.23
N GLY B 8 11.62 -8.89 -4.29
CA GLY B 8 11.83 -9.46 -5.61
C GLY B 8 12.83 -8.67 -6.44
N PRO B 9 13.32 -9.23 -7.56
CA PRO B 9 14.28 -8.59 -8.46
C PRO B 9 13.80 -7.41 -9.28
N GLY B 10 12.50 -7.38 -9.57
CA GLY B 10 11.96 -6.30 -10.38
C GLY B 10 11.94 -6.76 -11.83
N LEU B 11 13.12 -6.86 -12.43
CA LEU B 11 13.26 -7.31 -13.82
C LEU B 11 13.78 -8.74 -13.88
N VAL B 12 13.28 -9.53 -14.83
CA VAL B 12 13.71 -10.91 -15.01
C VAL B 12 13.81 -11.23 -16.50
N LYS B 13 14.89 -11.91 -16.91
CA LYS B 13 15.08 -12.28 -18.31
C LYS B 13 14.16 -13.43 -18.69
N PRO B 14 13.52 -13.37 -19.86
CA PRO B 14 12.64 -14.47 -20.22
C PRO B 14 13.40 -15.80 -20.26
N SER B 15 12.70 -16.88 -19.92
CA SER B 15 13.25 -18.24 -19.86
C SER B 15 13.96 -18.51 -18.53
N GLU B 16 14.33 -17.46 -17.80
CA GLU B 16 15.01 -17.65 -16.53
C GLU B 16 14.00 -17.82 -15.39
N THR B 17 14.51 -17.99 -14.17
CA THR B 17 13.65 -18.22 -13.02
C THR B 17 13.35 -16.98 -12.17
N LEU B 18 12.08 -16.80 -11.85
CA LEU B 18 11.63 -15.68 -11.02
C LEU B 18 11.59 -16.18 -9.58
N SER B 19 12.29 -15.48 -8.69
CA SER B 19 12.34 -15.86 -7.27
C SER B 19 11.86 -14.71 -6.38
N LEU B 20 10.86 -15.00 -5.55
CA LEU B 20 10.34 -14.00 -4.63
C LEU B 20 10.32 -14.56 -3.22
N THR B 21 10.37 -13.65 -2.24
CA THR B 21 10.32 -14.04 -0.84
C THR B 21 9.36 -13.10 -0.14
N CYS B 22 8.68 -13.61 0.88
CA CYS B 22 7.75 -12.81 1.66
C CYS B 22 8.16 -12.91 3.11
N THR B 23 8.31 -11.75 3.75
CA THR B 23 8.71 -11.71 5.16
C THR B 23 7.51 -11.36 6.02
N VAL B 24 7.20 -12.22 6.98
CA VAL B 24 6.09 -12.00 7.90
C VAL B 24 6.64 -11.45 9.22
N SER B 25 6.13 -10.29 9.64
CA SER B 25 6.58 -9.68 10.90
C SER B 25 5.39 -9.32 11.79
N GLY B 26 5.64 -9.23 13.10
CA GLY B 26 4.57 -8.91 14.02
C GLY B 26 3.65 -10.11 14.17
N GLY B 27 4.15 -11.25 13.70
CA GLY B 27 3.40 -12.49 13.74
C GLY B 27 4.32 -13.58 13.20
N SER B 28 3.77 -14.75 12.89
CA SER B 28 4.60 -15.83 12.40
C SER B 28 3.92 -16.73 11.37
N ILE B 29 4.76 -17.47 10.63
CA ILE B 29 4.30 -18.40 9.60
C ILE B 29 3.51 -19.53 10.26
N SER B 30 3.98 -19.93 11.43
CA SER B 30 3.38 -21.01 12.21
C SER B 30 1.85 -20.99 12.28
N GLY B 31 1.24 -22.16 12.05
CA GLY B 31 -0.20 -22.28 12.12
C GLY B 31 -1.04 -21.76 10.96
N PHE B 32 -0.40 -21.29 9.90
CA PHE B 32 -1.16 -20.77 8.75
C PHE B 32 -0.68 -21.30 7.40
N HIS B 33 -1.56 -21.19 6.41
CA HIS B 33 -1.24 -21.56 5.03
C HIS B 33 -0.98 -20.22 4.36
N TRP B 34 0.01 -20.18 3.49
CA TRP B 34 0.38 -18.93 2.82
C TRP B 34 0.37 -19.05 1.29
N SER B 35 -0.01 -17.97 0.62
CA SER B 35 -0.10 -17.98 -0.83
C SER B 35 0.53 -16.80 -1.55
N TRP B 36 0.67 -16.97 -2.86
CA TRP B 36 1.16 -15.94 -3.74
C TRP B 36 0.02 -15.76 -4.74
N ILE B 37 -0.33 -14.51 -5.03
CA ILE B 37 -1.37 -14.19 -5.98
C ILE B 37 -0.75 -13.12 -6.86
N ARG B 38 -1.01 -13.17 -8.16
CA ARG B 38 -0.44 -12.18 -9.06
C ARG B 38 -1.51 -11.50 -9.90
N GLN B 39 -1.17 -10.31 -10.39
CA GLN B 39 -2.10 -9.52 -11.19
C GLN B 39 -1.36 -8.81 -12.31
N PRO B 40 -1.51 -9.30 -13.56
CA PRO B 40 -0.81 -8.61 -14.63
C PRO B 40 -1.41 -7.20 -14.72
N PRO B 41 -0.63 -6.21 -15.18
CA PRO B 41 -1.17 -4.85 -15.28
C PRO B 41 -2.49 -4.72 -16.01
N GLY B 42 -3.47 -4.11 -15.33
CA GLY B 42 -4.78 -3.91 -15.91
C GLY B 42 -5.65 -5.16 -15.99
N LYS B 43 -5.15 -6.29 -15.52
CA LYS B 43 -5.92 -7.52 -15.61
C LYS B 43 -6.38 -8.10 -14.27
N GLY B 44 -6.91 -9.32 -14.31
CA GLY B 44 -7.42 -9.97 -13.12
C GLY B 44 -6.43 -10.58 -12.16
N LEU B 45 -6.94 -11.16 -11.09
CA LEU B 45 -6.12 -11.78 -10.06
C LEU B 45 -6.01 -13.28 -10.30
N GLU B 46 -4.81 -13.83 -10.10
CA GLU B 46 -4.58 -15.25 -10.29
C GLU B 46 -3.82 -15.88 -9.12
N TYR B 47 -4.47 -16.84 -8.46
CA TYR B 47 -3.89 -17.57 -7.35
C TYR B 47 -2.80 -18.48 -7.91
N ILE B 48 -1.66 -18.54 -7.23
CA ILE B 48 -0.56 -19.38 -7.68
C ILE B 48 -0.47 -20.69 -6.91
N GLY B 49 -0.72 -20.62 -5.60
CA GLY B 49 -0.69 -21.82 -4.79
C GLY B 49 -0.58 -21.48 -3.31
N TYR B 50 -0.51 -22.50 -2.48
CA TYR B 50 -0.38 -22.26 -1.04
C TYR B 50 0.62 -23.21 -0.42
N ILE B 51 1.14 -22.83 0.74
CA ILE B 51 2.08 -23.66 1.46
C ILE B 51 1.77 -23.54 2.93
N TYR B 52 1.71 -24.68 3.60
CA TYR B 52 1.42 -24.74 5.02
C TYR B 52 2.74 -24.50 5.75
N TYR B 53 2.66 -24.02 6.99
CA TYR B 53 3.86 -23.73 7.76
C TYR B 53 4.77 -24.95 7.85
N SER B 54 4.17 -26.15 7.80
CA SER B 54 4.92 -27.40 7.89
C SER B 54 5.62 -27.78 6.59
N GLY B 55 5.26 -27.13 5.49
CA GLY B 55 5.92 -27.44 4.23
C GLY B 55 5.05 -28.04 3.14
N SER B 56 3.89 -28.58 3.48
CA SER B 56 3.00 -29.18 2.48
C SER B 56 2.51 -28.10 1.52
N THR B 57 2.35 -28.46 0.24
CA THR B 57 1.93 -27.50 -0.77
C THR B 57 0.79 -27.96 -1.67
N SER B 58 0.28 -27.01 -2.45
CA SER B 58 -0.78 -27.22 -3.43
C SER B 58 -0.61 -26.08 -4.42
N TYR B 59 -0.42 -26.41 -5.70
CA TYR B 59 -0.23 -25.37 -6.71
C TYR B 59 -1.34 -25.35 -7.75
N ASN B 60 -1.58 -24.18 -8.31
CA ASN B 60 -2.58 -24.02 -9.35
C ASN B 60 -2.14 -24.90 -10.52
N PRO B 61 -3.01 -25.82 -10.96
CA PRO B 61 -2.68 -26.72 -12.08
C PRO B 61 -2.13 -26.02 -13.32
N SER B 62 -2.54 -24.78 -13.56
CA SER B 62 -2.06 -24.08 -14.75
C SER B 62 -0.59 -23.65 -14.67
N LEU B 63 -0.01 -23.73 -13.48
CA LEU B 63 1.39 -23.34 -13.28
C LEU B 63 2.24 -24.46 -12.69
N LYS B 64 1.63 -25.61 -12.42
CA LYS B 64 2.34 -26.73 -11.81
C LYS B 64 3.65 -27.20 -12.45
N SER B 65 3.77 -27.08 -13.77
CA SER B 65 5.00 -27.53 -14.42
C SER B 65 6.14 -26.52 -14.29
N ARG B 66 5.88 -25.38 -13.63
CA ARG B 66 6.91 -24.36 -13.50
C ARG B 66 7.06 -23.76 -12.11
N VAL B 67 6.17 -24.10 -11.19
CA VAL B 67 6.24 -23.49 -9.87
C VAL B 67 6.58 -24.38 -8.68
N SER B 68 7.12 -23.75 -7.65
CA SER B 68 7.44 -24.41 -6.40
C SER B 68 7.49 -23.33 -5.33
N MET B 69 7.16 -23.70 -4.11
CA MET B 69 7.17 -22.76 -3.00
C MET B 69 7.84 -23.45 -1.82
N SER B 70 8.49 -22.66 -0.98
CA SER B 70 9.15 -23.20 0.20
C SER B 70 8.90 -22.28 1.37
N VAL B 71 9.21 -22.76 2.56
CA VAL B 71 9.00 -21.97 3.76
C VAL B 71 10.19 -22.08 4.72
N ASP B 72 10.51 -20.98 5.40
CA ASP B 72 11.59 -20.94 6.37
C ASP B 72 11.04 -20.34 7.67
N THR B 73 10.48 -21.21 8.50
CA THR B 73 9.89 -20.76 9.76
C THR B 73 10.88 -20.02 10.65
N SER B 74 12.17 -20.35 10.56
CA SER B 74 13.18 -19.69 11.40
C SER B 74 13.30 -18.19 11.08
N ARG B 75 13.01 -17.83 9.84
CA ARG B 75 13.09 -16.42 9.45
C ARG B 75 11.69 -15.88 9.24
N ASN B 76 10.69 -16.75 9.39
CA ASN B 76 9.31 -16.38 9.19
C ASN B 76 9.11 -15.83 7.79
N GLN B 77 9.63 -16.57 6.83
CA GLN B 77 9.55 -16.22 5.42
C GLN B 77 9.10 -17.43 4.60
N PHE B 78 8.48 -17.16 3.47
CA PHE B 78 8.11 -18.24 2.56
C PHE B 78 8.44 -17.68 1.19
N SER B 79 8.74 -18.57 0.25
CA SER B 79 9.15 -18.11 -1.07
C SER B 79 8.44 -18.72 -2.26
N LEU B 80 8.75 -18.15 -3.42
CA LEU B 80 8.18 -18.58 -4.69
C LEU B 80 9.29 -18.66 -5.75
N GLU B 81 9.23 -19.71 -6.55
CA GLU B 81 10.18 -19.91 -7.64
C GLU B 81 9.36 -20.30 -8.88
N LEU B 82 9.39 -19.44 -9.89
CA LEU B 82 8.65 -19.67 -11.14
C LEU B 82 9.66 -19.75 -12.28
N SER B 83 9.75 -20.92 -12.90
CA SER B 83 10.70 -21.15 -13.99
C SER B 83 10.20 -20.78 -15.37
N SER B 84 11.14 -20.78 -16.32
CA SER B 84 10.87 -20.49 -17.73
C SER B 84 9.87 -19.33 -17.93
N VAL B 85 10.11 -18.20 -17.29
CA VAL B 85 9.20 -17.06 -17.40
C VAL B 85 9.17 -16.42 -18.79
N THR B 86 8.02 -15.81 -19.10
CA THR B 86 7.81 -15.10 -20.35
C THR B 86 7.05 -13.81 -19.99
N ALA B 87 6.79 -12.97 -20.98
CA ALA B 87 6.07 -11.71 -20.76
C ALA B 87 4.70 -11.94 -20.11
N ALA B 88 4.16 -13.14 -20.26
CA ALA B 88 2.86 -13.47 -19.68
C ALA B 88 2.94 -13.50 -18.15
N ASP B 89 4.16 -13.56 -17.62
CA ASP B 89 4.34 -13.59 -16.18
C ASP B 89 4.60 -12.20 -15.59
N THR B 90 4.61 -11.18 -16.45
CA THR B 90 4.80 -9.81 -15.97
C THR B 90 3.55 -9.46 -15.18
N ALA B 91 3.73 -9.09 -13.91
CA ALA B 91 2.59 -8.76 -13.07
C ALA B 91 3.03 -8.35 -11.68
N VAL B 92 2.10 -7.82 -10.91
CA VAL B 92 2.41 -7.46 -9.53
C VAL B 92 2.16 -8.76 -8.75
N TYR B 93 3.14 -9.17 -7.95
CA TYR B 93 3.00 -10.38 -7.15
C TYR B 93 2.76 -10.00 -5.70
N TYR B 94 1.75 -10.61 -5.11
CA TYR B 94 1.41 -10.37 -3.71
C TYR B 94 1.55 -11.66 -2.92
N CYS B 95 1.98 -11.55 -1.66
CA CYS B 95 1.98 -12.73 -0.81
C CYS B 95 0.81 -12.45 0.11
N ALA B 96 0.23 -13.50 0.66
CA ALA B 96 -0.93 -13.31 1.51
C ALA B 96 -1.10 -14.45 2.48
N ARG B 97 -1.92 -14.23 3.50
CA ARG B 97 -2.21 -15.24 4.49
C ARG B 97 -3.57 -15.80 4.07
N ASP B 98 -3.74 -17.11 4.21
CA ASP B 98 -4.97 -17.78 3.80
C ASP B 98 -5.91 -18.23 4.91
N PHE B 99 -7.15 -18.51 4.51
CA PHE B 99 -8.17 -19.03 5.40
C PHE B 99 -9.09 -19.85 4.52
N GLY B 100 -9.87 -20.74 5.13
CA GLY B 100 -10.77 -21.56 4.35
C GLY B 100 -11.35 -22.70 5.14
N GLU B 101 -11.48 -23.86 4.49
CA GLU B 101 -12.05 -25.03 5.13
C GLU B 101 -11.06 -26.18 5.08
N TYR B 102 -10.96 -26.91 6.18
CA TYR B 102 -10.05 -28.04 6.27
C TYR B 102 -10.84 -29.33 6.44
N HIS B 103 -10.47 -30.35 5.68
CA HIS B 103 -11.13 -31.64 5.74
C HIS B 103 -10.12 -32.68 6.21
N TYR B 104 -10.57 -33.60 7.06
CA TYR B 104 -9.67 -34.64 7.57
C TYR B 104 -9.73 -35.92 6.74
N ASP B 105 -10.22 -35.81 5.50
CA ASP B 105 -10.29 -36.99 4.63
C ASP B 105 -9.14 -37.06 3.63
N GLY B 106 -9.16 -36.16 2.66
CA GLY B 106 -8.12 -36.14 1.65
C GLY B 106 -8.08 -34.80 0.94
N ARG B 107 -9.18 -34.06 1.02
CA ARG B 107 -9.26 -32.75 0.39
C ARG B 107 -8.31 -31.81 1.11
N GLY B 108 -8.02 -32.13 2.36
CA GLY B 108 -7.12 -31.30 3.14
C GLY B 108 -7.63 -29.87 3.24
N PHE B 109 -6.73 -28.92 3.04
CA PHE B 109 -7.07 -27.50 3.13
C PHE B 109 -7.61 -26.94 1.82
N GLN B 110 -8.76 -26.29 1.90
CA GLN B 110 -9.38 -25.66 0.73
C GLN B 110 -9.32 -24.16 0.95
N CYS B 111 -8.40 -23.50 0.24
CA CYS B 111 -8.22 -22.06 0.36
C CYS B 111 -9.37 -21.27 -0.25
N GLU B 112 -10.17 -20.64 0.61
CA GLU B 112 -11.32 -19.86 0.16
C GLU B 112 -11.08 -18.35 0.16
N GLY B 113 -10.02 -17.90 0.80
CA GLY B 113 -9.76 -16.47 0.83
C GLY B 113 -8.42 -16.06 1.41
N PHE B 114 -8.14 -14.76 1.35
CA PHE B 114 -6.87 -14.20 1.82
C PHE B 114 -7.18 -12.99 2.69
N ASP B 115 -6.86 -13.06 3.98
CA ASP B 115 -7.17 -11.94 4.88
C ASP B 115 -6.06 -10.89 5.01
N LEU B 116 -4.81 -11.31 4.89
CA LEU B 116 -3.67 -10.39 5.00
C LEU B 116 -2.91 -10.40 3.68
N TRP B 117 -2.57 -9.22 3.17
CA TRP B 117 -1.86 -9.10 1.90
C TRP B 117 -0.60 -8.24 1.99
N GLY B 118 0.42 -8.60 1.23
CA GLY B 118 1.62 -7.79 1.20
C GLY B 118 1.25 -6.60 0.34
N GLN B 119 2.18 -5.68 0.09
CA GLN B 119 1.87 -4.52 -0.73
C GLN B 119 2.01 -4.82 -2.22
N GLY B 120 2.62 -5.96 -2.53
CA GLY B 120 2.80 -6.33 -3.92
C GLY B 120 4.08 -5.78 -4.51
N THR B 121 4.71 -6.57 -5.38
CA THR B 121 5.95 -6.16 -6.03
C THR B 121 5.81 -6.44 -7.52
N LEU B 122 6.13 -5.44 -8.33
CA LEU B 122 6.05 -5.58 -9.77
C LEU B 122 7.22 -6.35 -10.35
N VAL B 123 6.93 -7.42 -11.08
CA VAL B 123 7.97 -8.21 -11.71
C VAL B 123 7.79 -8.06 -13.22
N THR B 124 8.80 -7.52 -13.89
CA THR B 124 8.74 -7.32 -15.33
C THR B 124 9.66 -8.30 -16.04
N VAL B 125 9.09 -9.12 -16.92
CA VAL B 125 9.87 -10.09 -17.68
C VAL B 125 10.24 -9.44 -19.00
N SER B 126 11.50 -9.02 -19.10
CA SER B 126 11.99 -8.34 -20.29
C SER B 126 13.51 -8.31 -20.35
N SER B 127 14.04 -8.22 -21.56
CA SER B 127 15.48 -8.15 -21.78
C SER B 127 15.97 -6.79 -21.31
N ALA B 128 15.02 -5.84 -21.23
CA ALA B 128 15.30 -4.47 -20.81
C ALA B 128 16.06 -3.67 -21.87
N SER B 129 16.13 -4.22 -23.09
CA SER B 129 16.83 -3.54 -24.18
C SER B 129 16.12 -2.23 -24.52
N THR B 130 16.89 -1.16 -24.68
CA THR B 130 16.29 0.13 -25.04
C THR B 130 15.95 0.05 -26.53
N LYS B 131 14.69 0.27 -26.88
CA LYS B 131 14.27 0.20 -28.28
C LYS B 131 13.45 1.41 -28.72
N GLY B 132 13.91 2.06 -29.79
CA GLY B 132 13.19 3.21 -30.30
C GLY B 132 11.96 2.74 -31.06
N PRO B 133 10.91 3.55 -31.12
CA PRO B 133 9.71 3.12 -31.84
C PRO B 133 9.74 3.37 -33.33
N SER B 134 8.88 2.66 -34.05
CA SER B 134 8.72 2.88 -35.48
C SER B 134 7.49 3.78 -35.47
N VAL B 135 7.46 4.80 -36.34
CA VAL B 135 6.32 5.70 -36.38
C VAL B 135 5.58 5.61 -37.71
N PHE B 136 4.34 5.16 -37.65
CA PHE B 136 3.52 5.00 -38.85
C PHE B 136 2.41 6.06 -38.90
N PRO B 137 2.21 6.69 -40.07
CA PRO B 137 1.17 7.71 -40.19
C PRO B 137 -0.19 7.05 -40.36
N LEU B 138 -1.21 7.58 -39.68
CA LEU B 138 -2.56 7.03 -39.78
C LEU B 138 -3.36 8.05 -40.60
N ALA B 139 -3.38 7.85 -41.92
CA ALA B 139 -4.05 8.74 -42.85
C ALA B 139 -5.55 8.86 -42.65
N PRO B 140 -6.11 10.06 -42.86
CA PRO B 140 -7.55 10.25 -42.69
C PRO B 140 -8.27 9.49 -43.80
N SER B 141 -9.43 8.95 -43.49
CA SER B 141 -10.22 8.20 -44.47
C SER B 141 -10.96 9.14 -45.41
N SER B 142 -11.58 8.57 -46.44
CA SER B 142 -12.34 9.34 -47.42
C SER B 142 -13.72 9.71 -46.89
N LYS B 143 -14.10 10.97 -47.07
CA LYS B 143 -15.40 11.47 -46.61
C LYS B 143 -15.92 12.61 -47.50
N SER B 144 -17.11 12.42 -48.05
CA SER B 144 -17.72 13.41 -48.93
C SER B 144 -18.57 14.43 -48.18
N THR B 145 -19.28 15.27 -48.94
CA THR B 145 -20.13 16.31 -48.38
C THR B 145 -19.33 17.21 -47.43
N SER B 146 -18.51 18.07 -48.02
CA SER B 146 -17.66 18.99 -47.26
C SER B 146 -16.63 18.25 -46.42
N GLY B 147 -16.77 16.92 -46.33
CA GLY B 147 -15.85 16.12 -45.55
C GLY B 147 -16.04 16.33 -44.07
N GLY B 148 -16.67 17.45 -43.70
CA GLY B 148 -16.91 17.76 -42.31
C GLY B 148 -15.63 17.80 -41.49
N THR B 149 -15.49 16.85 -40.57
CA THR B 149 -14.30 16.78 -39.72
C THR B 149 -13.46 15.58 -40.13
N ALA B 150 -12.15 15.68 -39.96
CA ALA B 150 -11.25 14.60 -40.32
C ALA B 150 -10.32 14.21 -39.18
N ALA B 151 -10.10 12.90 -39.03
CA ALA B 151 -9.22 12.39 -37.98
C ALA B 151 -7.98 11.76 -38.58
N LEU B 152 -6.82 12.29 -38.19
CA LEU B 152 -5.53 11.78 -38.65
C LEU B 152 -4.78 11.41 -37.39
N GLY B 153 -3.80 10.51 -37.50
CA GLY B 153 -3.07 10.12 -36.32
C GLY B 153 -1.71 9.51 -36.60
N CYS B 154 -1.04 9.06 -35.54
CA CYS B 154 0.26 8.44 -35.66
C CYS B 154 0.35 7.24 -34.73
N LEU B 155 0.88 6.14 -35.25
CA LEU B 155 1.05 4.93 -34.48
C LEU B 155 2.53 4.86 -34.08
N VAL B 156 2.78 4.91 -32.78
CA VAL B 156 4.13 4.85 -32.23
C VAL B 156 4.31 3.41 -31.78
N LYS B 157 4.85 2.59 -32.66
CA LYS B 157 4.98 1.16 -32.43
C LYS B 157 6.28 0.54 -31.90
N ASP B 158 6.09 -0.41 -30.99
CA ASP B 158 7.16 -1.20 -30.38
C ASP B 158 8.37 -0.49 -29.81
N TYR B 159 8.20 0.22 -28.70
CA TYR B 159 9.30 0.91 -28.05
C TYR B 159 9.44 0.47 -26.60
N PHE B 160 10.60 0.72 -26.02
CA PHE B 160 10.86 0.36 -24.63
C PHE B 160 12.04 1.15 -24.12
N PRO B 161 11.94 1.72 -22.91
CA PRO B 161 10.79 1.65 -22.00
C PRO B 161 9.94 2.91 -22.15
N GLU B 162 8.98 3.09 -21.25
CA GLU B 162 8.18 4.30 -21.27
C GLU B 162 9.17 5.38 -20.84
N PRO B 163 8.89 6.67 -21.14
CA PRO B 163 7.71 7.15 -21.85
C PRO B 163 8.04 7.66 -23.25
N VAL B 164 7.00 8.12 -23.92
CA VAL B 164 7.11 8.68 -25.25
C VAL B 164 6.22 9.91 -25.23
N THR B 165 6.64 10.98 -25.92
CA THR B 165 5.82 12.18 -25.99
C THR B 165 5.43 12.38 -27.45
N VAL B 166 4.28 13.00 -27.67
CA VAL B 166 3.81 13.26 -29.03
C VAL B 166 3.16 14.63 -29.09
N SER B 167 3.53 15.41 -30.09
CA SER B 167 2.93 16.73 -30.27
C SER B 167 2.58 16.80 -31.74
N TRP B 168 1.78 17.79 -32.12
CA TRP B 168 1.41 17.95 -33.52
C TRP B 168 1.79 19.34 -33.98
N ASN B 169 2.41 19.40 -35.17
CA ASN B 169 2.84 20.67 -35.75
C ASN B 169 3.65 21.49 -34.74
N SER B 170 4.60 20.82 -34.11
CA SER B 170 5.50 21.46 -33.13
C SER B 170 4.79 22.09 -31.94
N GLY B 171 3.58 21.64 -31.65
CA GLY B 171 2.85 22.20 -30.53
C GLY B 171 1.87 23.29 -30.93
N ALA B 172 1.90 23.68 -32.20
CA ALA B 172 1.01 24.72 -32.67
C ALA B 172 -0.44 24.24 -32.72
N LEU B 173 -0.60 22.91 -32.78
CA LEU B 173 -1.92 22.30 -32.85
C LEU B 173 -2.21 21.57 -31.53
N THR B 174 -3.12 22.11 -30.73
CA THR B 174 -3.47 21.50 -29.46
C THR B 174 -4.95 21.15 -29.38
N SER B 175 -5.76 21.94 -30.05
CA SER B 175 -7.20 21.71 -30.07
C SER B 175 -7.50 20.48 -30.94
N GLY B 176 -8.25 19.54 -30.38
CA GLY B 176 -8.60 18.34 -31.13
C GLY B 176 -7.56 17.25 -31.04
N VAL B 177 -6.50 17.46 -30.26
CA VAL B 177 -5.45 16.47 -30.10
C VAL B 177 -5.75 15.53 -28.95
N HIS B 178 -5.49 14.24 -29.15
CA HIS B 178 -5.74 13.25 -28.12
C HIS B 178 -4.69 12.15 -28.22
N THR B 179 -3.78 12.11 -27.25
CA THR B 179 -2.74 11.09 -27.23
C THR B 179 -3.19 10.07 -26.20
N PHE B 180 -3.24 8.79 -26.59
CA PHE B 180 -3.69 7.73 -25.70
C PHE B 180 -2.60 6.98 -24.95
N PRO B 181 -2.91 6.53 -23.73
CA PRO B 181 -1.93 5.79 -22.94
C PRO B 181 -1.48 4.57 -23.76
N ALA B 182 -0.25 4.13 -23.54
CA ALA B 182 0.26 3.00 -24.30
C ALA B 182 -0.28 1.65 -23.86
N VAL B 183 -0.16 0.69 -24.76
CA VAL B 183 -0.57 -0.66 -24.49
C VAL B 183 0.72 -1.46 -24.33
N LEU B 184 0.75 -2.39 -23.38
CA LEU B 184 1.92 -3.23 -23.16
C LEU B 184 1.60 -4.55 -23.84
N GLN B 185 2.33 -4.82 -24.93
CA GLN B 185 2.11 -6.02 -25.72
C GLN B 185 2.79 -7.27 -25.16
N SER B 186 2.35 -8.43 -25.64
CA SER B 186 2.89 -9.71 -25.19
C SER B 186 4.37 -9.83 -25.54
N SER B 187 4.85 -8.94 -26.39
CA SER B 187 6.25 -8.94 -26.81
C SER B 187 7.10 -8.23 -25.76
N GLY B 188 6.44 -7.57 -24.82
CA GLY B 188 7.15 -6.85 -23.78
C GLY B 188 7.45 -5.43 -24.19
N LEU B 189 7.01 -5.04 -25.39
CA LEU B 189 7.25 -3.70 -25.91
C LEU B 189 5.97 -2.87 -25.87
N TYR B 190 6.11 -1.55 -25.83
CA TYR B 190 4.96 -0.66 -25.80
C TYR B 190 4.60 -0.10 -27.16
N SER B 191 3.35 0.33 -27.28
CA SER B 191 2.85 0.97 -28.49
C SER B 191 1.77 1.95 -28.04
N LEU B 192 1.72 3.11 -28.66
CA LEU B 192 0.67 4.09 -28.33
C LEU B 192 0.30 4.81 -29.62
N SER B 193 -0.82 5.52 -29.60
CA SER B 193 -1.27 6.26 -30.76
C SER B 193 -1.75 7.64 -30.35
N SER B 194 -1.71 8.57 -31.30
CA SER B 194 -2.15 9.93 -31.08
C SER B 194 -3.00 10.30 -32.29
N VAL B 195 -4.12 10.97 -32.04
CA VAL B 195 -5.01 11.36 -33.12
C VAL B 195 -5.38 12.84 -32.98
N VAL B 196 -5.57 13.48 -34.12
CA VAL B 196 -5.95 14.88 -34.09
C VAL B 196 -7.16 15.04 -35.01
N THR B 197 -8.18 15.73 -34.50
CA THR B 197 -9.38 15.96 -35.27
C THR B 197 -9.28 17.37 -35.83
N VAL B 198 -9.35 17.50 -37.15
CA VAL B 198 -9.21 18.79 -37.80
C VAL B 198 -10.30 19.05 -38.85
N PRO B 199 -10.50 20.32 -39.22
CA PRO B 199 -11.51 20.65 -40.23
C PRO B 199 -11.06 20.06 -41.56
N SER B 200 -12.01 19.55 -42.33
CA SER B 200 -11.70 18.95 -43.62
C SER B 200 -11.31 19.95 -44.70
N SER B 201 -11.97 21.10 -44.71
CA SER B 201 -11.72 22.13 -45.71
C SER B 201 -10.26 22.45 -46.03
N SER B 202 -9.38 22.33 -45.03
CA SER B 202 -7.98 22.66 -45.23
C SER B 202 -7.01 21.48 -45.28
N LEU B 203 -7.51 20.27 -45.50
CA LEU B 203 -6.63 19.10 -45.58
C LEU B 203 -5.65 19.29 -46.73
N GLY B 204 -5.93 20.26 -47.59
CA GLY B 204 -5.06 20.52 -48.73
C GLY B 204 -4.16 21.74 -48.54
N THR B 205 -4.49 22.61 -47.59
CA THR B 205 -3.68 23.81 -47.36
C THR B 205 -2.90 23.76 -46.06
N GLN B 206 -3.13 22.74 -45.24
CA GLN B 206 -2.43 22.63 -43.97
C GLN B 206 -1.71 21.30 -43.86
N THR B 207 -0.41 21.36 -43.63
CA THR B 207 0.38 20.17 -43.48
C THR B 207 0.30 19.71 -42.03
N TYR B 208 0.19 18.40 -41.81
CA TYR B 208 0.13 17.87 -40.45
C TYR B 208 1.33 16.99 -40.16
N ILE B 209 1.98 17.26 -39.03
CA ILE B 209 3.17 16.52 -38.63
C ILE B 209 3.04 16.09 -37.17
N CYS B 210 3.30 14.81 -36.87
CA CYS B 210 3.25 14.40 -35.48
C CYS B 210 4.72 14.28 -35.06
N ASN B 211 5.07 14.99 -34.00
CA ASN B 211 6.43 15.02 -33.49
C ASN B 211 6.57 14.02 -32.36
N VAL B 212 7.26 12.92 -32.64
CA VAL B 212 7.46 11.86 -31.66
C VAL B 212 8.86 11.87 -31.07
N ASN B 213 8.91 11.76 -29.75
CA ASN B 213 10.20 11.74 -29.07
C ASN B 213 10.22 10.65 -28.00
N HIS B 214 11.17 9.73 -28.16
CA HIS B 214 11.38 8.64 -27.21
C HIS B 214 12.76 8.94 -26.66
N LYS B 215 12.79 9.71 -25.57
CA LYS B 215 14.05 10.13 -24.95
C LYS B 215 15.07 9.06 -24.58
N PRO B 216 14.62 7.94 -23.99
CA PRO B 216 15.61 6.92 -23.63
C PRO B 216 16.48 6.41 -24.77
N SER B 217 15.95 6.39 -25.99
CA SER B 217 16.72 5.91 -27.15
C SER B 217 17.14 7.07 -28.04
N ASN B 218 16.81 8.29 -27.64
CA ASN B 218 17.14 9.48 -28.42
C ASN B 218 16.50 9.41 -29.81
N THR B 219 15.34 8.78 -29.88
CA THR B 219 14.61 8.65 -31.14
C THR B 219 13.64 9.82 -31.31
N LYS B 220 13.84 10.59 -32.37
CA LYS B 220 12.99 11.72 -32.66
C LYS B 220 12.52 11.60 -34.10
N VAL B 221 11.21 11.61 -34.30
CA VAL B 221 10.64 11.48 -35.63
C VAL B 221 9.54 12.50 -35.88
N ASP B 222 9.61 13.15 -37.03
CA ASP B 222 8.60 14.13 -37.43
C ASP B 222 7.92 13.53 -38.65
N LYS B 223 6.80 12.85 -38.42
CA LYS B 223 6.08 12.18 -39.49
C LYS B 223 4.92 12.97 -40.10
N LYS B 224 4.99 13.17 -41.41
CA LYS B 224 3.94 13.89 -42.12
C LYS B 224 2.80 12.90 -42.32
N VAL B 225 1.58 13.32 -42.00
CA VAL B 225 0.41 12.48 -42.17
C VAL B 225 -0.48 13.18 -43.18
N GLU B 226 -0.69 12.56 -44.33
CA GLU B 226 -1.51 13.17 -45.35
C GLU B 226 -2.54 12.19 -45.90
N PRO B 227 -3.67 12.72 -46.39
CA PRO B 227 -4.70 11.83 -46.93
C PRO B 227 -4.14 11.08 -48.13
N LYS B 228 -4.66 9.88 -48.39
CA LYS B 228 -4.19 9.08 -49.52
C LYS B 228 -5.09 9.26 -50.74
N LYS C 5 -13.37 -33.56 8.18
CA LYS C 5 -14.60 -33.38 9.01
C LYS C 5 -15.15 -31.97 8.91
N ARG C 6 -14.83 -31.30 7.81
CA ARG C 6 -15.29 -29.94 7.56
C ARG C 6 -15.11 -29.00 8.75
N ILE C 7 -13.92 -28.40 8.84
CA ILE C 7 -13.63 -27.46 9.92
C ILE C 7 -13.33 -26.12 9.23
N HIS C 8 -14.05 -25.08 9.65
CA HIS C 8 -13.85 -23.76 9.07
C HIS C 8 -12.72 -22.97 9.72
N ILE C 9 -11.71 -22.65 8.93
CA ILE C 9 -10.57 -21.87 9.41
C ILE C 9 -10.86 -20.43 9.04
N GLY C 10 -11.34 -19.65 10.01
CA GLY C 10 -11.63 -18.26 9.75
C GLY C 10 -10.38 -17.40 9.63
N PRO C 11 -10.51 -16.16 9.16
CA PRO C 11 -9.37 -15.25 9.00
C PRO C 11 -8.60 -15.07 10.31
N GLY C 12 -7.30 -15.29 10.27
CA GLY C 12 -6.49 -15.11 11.47
C GLY C 12 -6.51 -16.25 12.45
N ARG C 13 -7.22 -17.33 12.13
CA ARG C 13 -7.28 -18.47 13.03
C ARG C 13 -6.12 -19.42 12.78
N ALA C 14 -5.18 -19.46 13.73
CA ALA C 14 -4.04 -20.36 13.63
C ALA C 14 -4.62 -21.75 13.76
N PHE C 15 -4.17 -22.66 12.90
CA PHE C 15 -4.68 -24.03 12.92
C PHE C 15 -3.53 -25.01 12.83
N TYR C 16 -3.49 -25.96 13.75
CA TYR C 16 -2.42 -26.95 13.76
C TYR C 16 -2.87 -28.38 13.54
N THR C 17 -2.22 -29.03 12.58
CA THR C 17 -2.49 -30.39 12.19
C THR C 17 -1.83 -31.37 13.17
N THR C 18 -0.71 -30.95 13.75
CA THR C 18 0.04 -31.77 14.70
C THR C 18 -0.11 -31.23 16.13
N SER D 1 12.87 15.77 17.30
CA SER D 1 13.44 16.53 16.14
C SER D 1 13.61 18.01 16.46
N VAL D 2 14.31 18.71 15.57
CA VAL D 2 14.50 20.14 15.73
C VAL D 2 13.15 20.82 15.57
N LEU D 3 12.23 20.16 14.87
CA LEU D 3 10.89 20.72 14.68
C LEU D 3 9.92 20.09 15.68
N THR D 4 9.15 20.94 16.36
CA THR D 4 8.22 20.48 17.38
C THR D 4 6.74 20.70 17.03
N GLN D 5 5.96 19.62 17.04
CA GLN D 5 4.53 19.67 16.76
C GLN D 5 3.80 19.06 17.95
N PRO D 6 2.55 19.48 18.20
CA PRO D 6 1.83 18.89 19.32
C PRO D 6 1.54 17.44 18.89
N PRO D 7 1.55 16.49 19.83
CA PRO D 7 1.28 15.10 19.44
C PRO D 7 -0.11 14.82 18.87
N SER D 8 -1.09 15.62 19.28
CA SER D 8 -2.44 15.39 18.79
C SER D 8 -3.35 16.62 18.91
N VAL D 9 -4.38 16.65 18.07
CA VAL D 9 -5.35 17.73 18.07
C VAL D 9 -6.67 17.12 17.63
N SER D 10 -7.78 17.72 18.05
CA SER D 10 -9.08 17.18 17.68
C SER D 10 -10.17 18.24 17.65
N ALA D 11 -11.22 17.94 16.90
CA ALA D 11 -12.38 18.81 16.75
C ALA D 11 -13.51 18.01 16.11
N ALA D 12 -14.73 18.52 16.21
CA ALA D 12 -15.88 17.84 15.63
C ALA D 12 -15.98 18.13 14.14
N PRO D 13 -16.73 17.30 13.39
CA PRO D 13 -16.82 17.57 11.96
C PRO D 13 -17.40 18.95 11.69
N GLY D 14 -16.89 19.60 10.65
CA GLY D 14 -17.35 20.93 10.30
C GLY D 14 -16.60 22.04 11.01
N GLN D 15 -15.86 21.69 12.06
CA GLN D 15 -15.10 22.70 12.79
C GLN D 15 -13.71 22.82 12.17
N LYS D 16 -12.82 23.52 12.84
CA LYS D 16 -11.47 23.69 12.34
C LYS D 16 -10.42 23.44 13.40
N VAL D 17 -9.20 23.18 12.95
CA VAL D 17 -8.08 22.94 13.85
C VAL D 17 -6.85 23.65 13.29
N THR D 18 -5.89 23.87 14.16
CA THR D 18 -4.64 24.51 13.79
C THR D 18 -3.53 23.61 14.32
N ILE D 19 -2.53 23.36 13.49
CA ILE D 19 -1.39 22.52 13.88
C ILE D 19 -0.11 23.34 13.75
N SER D 20 0.57 23.54 14.86
CA SER D 20 1.80 24.32 14.88
C SER D 20 3.06 23.49 14.67
N CYS D 21 4.09 24.15 14.17
CA CYS D 21 5.39 23.53 13.90
C CYS D 21 6.43 24.57 14.34
N SER D 22 7.09 24.32 15.48
CA SER D 22 8.07 25.23 16.03
C SER D 22 9.52 24.82 15.76
N GLY D 23 10.32 25.77 15.29
CA GLY D 23 11.72 25.50 15.00
C GLY D 23 12.65 26.63 15.40
N SER D 24 13.64 26.90 14.55
CA SER D 24 14.61 27.96 14.83
C SER D 24 14.91 28.71 13.54
N SER D 25 15.75 29.74 13.65
CA SER D 25 16.10 30.50 12.47
C SER D 25 17.01 29.67 11.57
N SER D 26 17.44 28.51 12.06
CA SER D 26 18.31 27.63 11.28
C SER D 26 17.52 26.69 10.35
N ASN D 27 16.21 26.61 10.56
CA ASN D 27 15.37 25.79 9.70
C ASN D 27 14.17 26.56 9.17
N ILE D 28 13.07 26.58 9.93
CA ILE D 28 11.87 27.29 9.51
C ILE D 28 12.10 28.78 9.29
N GLY D 29 12.96 29.37 10.11
CA GLY D 29 13.22 30.79 9.97
C GLY D 29 13.85 31.16 8.64
N ASN D 30 14.74 30.29 8.15
CA ASN D 30 15.45 30.54 6.90
C ASN D 30 14.99 29.77 5.67
N ASN D 31 14.25 28.68 5.87
CA ASN D 31 13.81 27.86 4.75
C ASN D 31 12.30 27.66 4.70
N MET D 32 11.78 27.34 3.52
CA MET D 32 10.34 27.16 3.34
C MET D 32 9.81 25.80 3.79
N VAL D 33 8.68 25.84 4.47
CA VAL D 33 8.02 24.65 5.03
C VAL D 33 7.06 23.92 4.11
N SER D 34 7.05 22.59 4.23
CA SER D 34 6.15 21.74 3.46
C SER D 34 5.40 20.90 4.51
N TRP D 35 4.17 20.50 4.18
CA TRP D 35 3.36 19.70 5.09
C TRP D 35 2.85 18.44 4.41
N TYR D 36 2.61 17.39 5.20
CA TYR D 36 2.13 16.13 4.66
C TYR D 36 0.99 15.54 5.46
N GLN D 37 0.15 14.80 4.76
CA GLN D 37 -0.98 14.11 5.38
C GLN D 37 -0.66 12.63 5.18
N GLN D 38 -0.73 11.85 6.24
CA GLN D 38 -0.44 10.43 6.11
C GLN D 38 -1.49 9.54 6.77
N HIS D 39 -2.17 8.76 5.93
CA HIS D 39 -3.17 7.83 6.43
C HIS D 39 -2.37 6.58 6.77
N PRO D 40 -2.74 5.88 7.85
CA PRO D 40 -2.03 4.67 8.25
C PRO D 40 -1.85 3.66 7.12
N GLY D 41 -0.64 3.13 7.01
CA GLY D 41 -0.37 2.15 5.96
C GLY D 41 -0.05 2.72 4.59
N THR D 42 -0.09 4.05 4.44
CA THR D 42 0.21 4.66 3.15
C THR D 42 1.32 5.70 3.28
N ALA D 43 1.93 6.05 2.15
CA ALA D 43 3.00 7.03 2.14
C ALA D 43 2.46 8.43 2.40
N PRO D 44 3.29 9.31 2.97
CA PRO D 44 2.85 10.68 3.24
C PRO D 44 2.45 11.33 1.91
N LYS D 45 1.50 12.24 1.96
CA LYS D 45 1.04 12.94 0.76
C LYS D 45 1.31 14.42 0.95
N LEU D 46 1.95 15.04 -0.04
CA LEU D 46 2.25 16.46 0.06
C LEU D 46 0.95 17.26 0.14
N LEU D 47 0.84 18.08 1.19
CA LEU D 47 -0.34 18.91 1.43
C LEU D 47 -0.10 20.38 1.12
N ILE D 48 1.05 20.88 1.57
CA ILE D 48 1.42 22.27 1.39
C ILE D 48 2.92 22.35 1.09
N TYR D 49 3.32 23.32 0.28
CA TYR D 49 4.74 23.48 -0.04
C TYR D 49 5.02 24.96 -0.15
N GLU D 50 6.27 25.36 0.07
CA GLU D 50 6.64 26.76 0.01
C GLU D 50 5.76 27.57 0.96
N ASN D 51 5.65 27.06 2.19
CA ASN D 51 4.87 27.67 3.26
C ASN D 51 3.35 27.71 3.15
N SER D 52 2.82 28.03 1.97
CA SER D 52 1.38 28.15 1.83
C SER D 52 0.78 27.73 0.50
N LYS D 53 1.59 27.17 -0.38
CA LYS D 53 1.09 26.75 -1.68
C LYS D 53 0.47 25.37 -1.60
N ARG D 54 -0.63 25.19 -2.33
CA ARG D 54 -1.33 23.93 -2.36
C ARG D 54 -1.19 23.24 -3.71
N PRO D 55 -0.70 22.00 -3.72
CA PRO D 55 -0.58 21.33 -5.01
C PRO D 55 -1.98 21.03 -5.54
N SER D 56 -2.09 20.80 -6.85
CA SER D 56 -3.37 20.50 -7.45
C SER D 56 -3.99 19.31 -6.73
N GLY D 57 -5.30 19.36 -6.51
CA GLY D 57 -5.95 18.25 -5.83
C GLY D 57 -6.19 18.46 -4.35
N ILE D 58 -5.45 19.39 -3.74
CA ILE D 58 -5.62 19.66 -2.32
C ILE D 58 -6.60 20.81 -2.13
N PRO D 59 -7.75 20.55 -1.48
CA PRO D 59 -8.78 21.56 -1.24
C PRO D 59 -8.29 22.78 -0.44
N ASP D 60 -8.86 23.93 -0.73
CA ASP D 60 -8.46 25.17 -0.05
C ASP D 60 -8.76 25.20 1.43
N ARG D 61 -9.47 24.21 1.95
CA ARG D 61 -9.75 24.22 3.39
C ARG D 61 -8.48 23.88 4.17
N PHE D 62 -7.45 23.48 3.44
CA PHE D 62 -6.14 23.20 4.03
C PHE D 62 -5.29 24.44 3.71
N SER D 63 -4.70 25.05 4.73
CA SER D 63 -3.88 26.24 4.50
C SER D 63 -2.62 26.21 5.35
N GLY D 64 -1.58 26.89 4.88
CA GLY D 64 -0.33 26.95 5.61
C GLY D 64 0.23 28.35 5.64
N SER D 65 1.00 28.65 6.68
CA SER D 65 1.60 29.96 6.83
C SER D 65 2.87 29.84 7.65
N ARG D 66 3.77 30.81 7.49
CA ARG D 66 5.02 30.82 8.21
C ARG D 66 5.23 32.19 8.82
N SER D 67 5.57 32.22 10.10
CA SER D 67 5.80 33.47 10.82
C SER D 67 6.95 33.26 11.78
N GLY D 68 8.04 34.00 11.59
CA GLY D 68 9.18 33.86 12.45
C GLY D 68 9.80 32.49 12.24
N THR D 69 10.01 31.76 13.34
CA THR D 69 10.61 30.44 13.27
C THR D 69 9.58 29.33 13.46
N SER D 70 8.31 29.66 13.25
CA SER D 70 7.23 28.68 13.38
C SER D 70 6.33 28.67 12.16
N ALA D 71 5.73 27.52 11.89
CA ALA D 71 4.82 27.39 10.77
C ALA D 71 3.52 26.82 11.32
N THR D 72 2.42 27.06 10.59
CA THR D 72 1.12 26.59 11.03
C THR D 72 0.27 26.03 9.91
N LEU D 73 -0.34 24.87 10.17
CA LEU D 73 -1.21 24.22 9.21
C LEU D 73 -2.64 24.42 9.72
N GLY D 74 -3.50 24.92 8.85
CA GLY D 74 -4.88 25.15 9.24
C GLY D 74 -5.82 24.26 8.44
N ILE D 75 -6.82 23.69 9.12
CA ILE D 75 -7.79 22.82 8.45
C ILE D 75 -9.19 23.19 8.94
N ILE D 76 -10.06 23.60 8.00
CA ILE D 76 -11.43 23.98 8.34
C ILE D 76 -12.42 22.99 7.73
N GLY D 77 -13.69 23.12 8.11
CA GLY D 77 -14.71 22.22 7.59
C GLY D 77 -14.27 20.76 7.68
N LEU D 78 -13.76 20.38 8.85
CA LEU D 78 -13.28 19.01 9.08
C LEU D 78 -14.20 17.90 8.60
N GLN D 79 -13.61 16.92 7.91
CA GLN D 79 -14.34 15.77 7.41
C GLN D 79 -13.70 14.54 8.04
N THR D 80 -14.50 13.48 8.24
CA THR D 80 -13.97 12.25 8.83
C THR D 80 -12.71 11.77 8.13
N GLY D 81 -12.69 11.91 6.80
CA GLY D 81 -11.54 11.47 6.01
C GLY D 81 -10.26 12.25 6.26
N ASP D 82 -10.35 13.33 7.04
CA ASP D 82 -9.18 14.14 7.34
C ASP D 82 -8.37 13.51 8.46
N GLU D 83 -8.94 12.51 9.15
CA GLU D 83 -8.22 11.84 10.22
C GLU D 83 -6.96 11.23 9.63
N ALA D 84 -5.82 11.58 10.22
CA ALA D 84 -4.53 11.09 9.75
C ALA D 84 -3.45 11.73 10.61
N GLU D 85 -2.20 11.43 10.27
CA GLU D 85 -1.05 12.00 10.97
C GLU D 85 -0.53 13.11 10.06
N TYR D 86 -0.30 14.30 10.61
CA TYR D 86 0.20 15.41 9.80
C TYR D 86 1.63 15.76 10.20
N TYR D 87 2.47 16.01 9.20
CA TYR D 87 3.87 16.34 9.44
C TYR D 87 4.32 17.62 8.75
N CYS D 88 5.24 18.34 9.39
CA CYS D 88 5.80 19.54 8.80
C CYS D 88 7.26 19.20 8.52
N ALA D 89 7.89 19.94 7.63
CA ALA D 89 9.27 19.69 7.29
C ALA D 89 9.89 20.84 6.51
N THR D 90 11.21 20.93 6.60
CA THR D 90 11.99 21.92 5.87
C THR D 90 13.47 21.55 6.03
N TRP D 91 14.33 22.35 5.41
CA TRP D 91 15.77 22.12 5.47
C TRP D 91 16.36 22.83 6.67
N ASP D 92 17.30 22.16 7.34
CA ASP D 92 17.97 22.76 8.48
C ASP D 92 19.44 22.99 8.15
N GLY D 93 19.98 24.08 8.65
CA GLY D 93 21.37 24.44 8.40
C GLY D 93 22.38 23.35 8.71
N SER D 94 22.01 22.39 9.55
CA SER D 94 22.92 21.29 9.88
C SER D 94 23.03 20.35 8.68
N LEU D 95 22.42 20.75 7.57
CA LEU D 95 22.43 20.02 6.30
C LEU D 95 21.60 18.74 6.23
N ARG D 96 20.29 18.90 6.35
CA ARG D 96 19.39 17.75 6.29
C ARG D 96 17.95 18.24 6.37
N THR D 97 17.03 17.46 5.83
CA THR D 97 15.63 17.84 5.92
C THR D 97 15.23 17.35 7.31
N VAL D 98 14.46 18.16 8.03
CA VAL D 98 14.00 17.76 9.36
C VAL D 98 12.48 17.77 9.34
N PHE D 99 11.90 16.78 10.02
CA PHE D 99 10.45 16.63 10.12
C PHE D 99 9.99 16.88 11.54
N GLY D 100 8.79 17.42 11.68
CA GLY D 100 8.25 17.62 13.01
C GLY D 100 7.89 16.21 13.47
N GLY D 101 7.57 16.04 14.74
CA GLY D 101 7.24 14.72 15.26
C GLY D 101 5.93 14.12 14.82
N GLY D 102 5.09 14.91 14.16
CA GLY D 102 3.81 14.42 13.70
C GLY D 102 2.69 14.73 14.67
N THR D 103 1.53 15.09 14.13
CA THR D 103 0.37 15.40 14.93
C THR D 103 -0.79 14.54 14.45
N LYS D 104 -1.43 13.83 15.37
CA LYS D 104 -2.57 12.98 15.01
C LYS D 104 -3.85 13.79 15.12
N LEU D 105 -4.59 13.85 14.01
CA LEU D 105 -5.85 14.59 13.96
C LEU D 105 -7.01 13.63 14.10
N THR D 106 -7.85 13.88 15.11
CA THR D 106 -9.03 13.06 15.33
C THR D 106 -10.26 13.92 15.11
N VAL D 107 -11.20 13.43 14.32
CA VAL D 107 -12.44 14.14 14.06
C VAL D 107 -13.39 13.48 15.06
N LEU D 108 -13.70 14.23 16.12
CA LEU D 108 -14.54 13.73 17.21
C LEU D 108 -15.89 13.16 16.81
N SER D 109 -16.10 11.87 17.12
CA SER D 109 -17.35 11.19 16.81
C SER D 109 -17.98 10.58 18.06
N GLN D 110 -17.33 10.79 19.21
CA GLN D 110 -17.82 10.31 20.48
C GLN D 110 -17.20 11.16 21.58
N PRO D 111 -17.79 11.13 22.79
CA PRO D 111 -17.27 11.92 23.92
C PRO D 111 -15.81 11.64 24.21
N LYS D 112 -15.04 12.69 24.54
CA LYS D 112 -13.64 12.50 24.85
C LYS D 112 -13.57 11.67 26.12
N ALA D 113 -12.59 10.78 26.21
CA ALA D 113 -12.43 9.94 27.38
C ALA D 113 -10.98 9.93 27.84
N ALA D 114 -10.77 10.28 29.11
CA ALA D 114 -9.43 10.30 29.70
C ALA D 114 -8.99 8.86 29.95
N PRO D 115 -7.69 8.60 29.79
CA PRO D 115 -7.19 7.24 30.01
C PRO D 115 -7.22 6.78 31.47
N SER D 116 -7.50 5.50 31.67
CA SER D 116 -7.48 4.89 33.00
C SER D 116 -6.09 4.30 33.06
N VAL D 117 -5.36 4.55 34.16
CA VAL D 117 -4.00 4.06 34.27
C VAL D 117 -3.77 3.12 35.45
N THR D 118 -3.11 2.01 35.18
CA THR D 118 -2.78 1.02 36.19
C THR D 118 -1.28 0.74 36.05
N LEU D 119 -0.56 0.86 37.16
CA LEU D 119 0.88 0.64 37.15
C LEU D 119 1.26 -0.49 38.08
N PHE D 120 1.98 -1.46 37.54
CA PHE D 120 2.43 -2.61 38.34
C PHE D 120 3.94 -2.56 38.55
N PRO D 121 4.39 -2.84 39.78
CA PRO D 121 5.82 -2.83 40.12
C PRO D 121 6.38 -4.20 39.73
N PRO D 122 7.72 -4.35 39.79
CA PRO D 122 8.29 -5.66 39.42
C PRO D 122 7.80 -6.71 40.41
N SER D 123 7.59 -7.94 39.95
CA SER D 123 7.14 -9.00 40.86
C SER D 123 8.36 -9.58 41.57
N SER D 124 8.13 -10.15 42.76
CA SER D 124 9.21 -10.74 43.52
C SER D 124 9.88 -11.83 42.69
N GLU D 125 9.08 -12.56 41.89
CA GLU D 125 9.62 -13.62 41.06
C GLU D 125 10.61 -13.08 40.03
N GLU D 126 10.24 -11.99 39.35
CA GLU D 126 11.14 -11.42 38.35
C GLU D 126 12.42 -10.92 39.02
N LEU D 127 12.29 -10.26 40.16
CA LEU D 127 13.45 -9.75 40.87
C LEU D 127 14.40 -10.91 41.19
N GLN D 128 13.83 -12.05 41.58
CA GLN D 128 14.65 -13.23 41.89
C GLN D 128 15.41 -13.66 40.64
N ALA D 129 14.83 -13.36 39.48
CA ALA D 129 15.45 -13.71 38.21
C ALA D 129 16.44 -12.66 37.76
N ASN D 130 16.71 -11.70 38.65
CA ASN D 130 17.66 -10.62 38.39
C ASN D 130 17.22 -9.65 37.30
N LYS D 131 15.91 -9.42 37.21
CA LYS D 131 15.36 -8.50 36.23
C LYS D 131 14.27 -7.69 36.93
N ALA D 132 13.86 -6.58 36.33
CA ALA D 132 12.84 -5.73 36.90
C ALA D 132 12.07 -5.03 35.79
N THR D 133 10.75 -5.15 35.83
CA THR D 133 9.91 -4.52 34.82
C THR D 133 8.70 -3.81 35.43
N LEU D 134 8.54 -2.52 35.11
CA LEU D 134 7.38 -1.79 35.59
C LEU D 134 6.42 -1.80 34.41
N VAL D 135 5.16 -2.13 34.67
CA VAL D 135 4.17 -2.21 33.60
C VAL D 135 3.07 -1.19 33.78
N CYS D 136 2.94 -0.29 32.81
CA CYS D 136 1.94 0.77 32.85
C CYS D 136 0.89 0.51 31.78
N LEU D 137 -0.33 0.18 32.20
CA LEU D 137 -1.43 -0.10 31.29
C LEU D 137 -2.34 1.12 31.18
N ILE D 138 -2.60 1.52 29.93
CA ILE D 138 -3.42 2.71 29.66
C ILE D 138 -4.63 2.30 28.82
N SER D 139 -5.83 2.54 29.32
CA SER D 139 -7.01 2.12 28.58
C SER D 139 -8.21 3.05 28.59
N ASP D 140 -9.15 2.77 27.68
CA ASP D 140 -10.38 3.53 27.52
C ASP D 140 -10.23 5.02 27.24
N PHE D 141 -9.25 5.40 26.41
CA PHE D 141 -9.10 6.81 26.09
C PHE D 141 -9.50 7.16 24.66
N TYR D 142 -9.93 8.41 24.48
CA TYR D 142 -10.36 8.93 23.17
C TYR D 142 -10.24 10.46 23.21
N PRO D 143 -9.58 11.07 22.21
CA PRO D 143 -8.91 10.51 21.02
C PRO D 143 -7.83 9.49 21.33
N GLY D 144 -7.53 8.64 20.36
CA GLY D 144 -6.53 7.60 20.54
C GLY D 144 -5.09 8.07 20.42
N ALA D 145 -4.67 8.94 21.34
CA ALA D 145 -3.31 9.47 21.34
C ALA D 145 -2.90 9.86 22.75
N VAL D 146 -1.76 9.34 23.20
CA VAL D 146 -1.24 9.66 24.52
C VAL D 146 0.27 9.77 24.46
N THR D 147 0.84 10.48 25.42
CA THR D 147 2.28 10.63 25.51
C THR D 147 2.60 10.11 26.90
N VAL D 148 3.61 9.25 27.00
CA VAL D 148 3.99 8.66 28.26
C VAL D 148 5.37 9.14 28.70
N ALA D 149 5.50 9.46 29.97
CA ALA D 149 6.77 9.91 30.53
C ALA D 149 6.95 9.20 31.86
N TRP D 150 8.16 8.68 32.08
CA TRP D 150 8.45 7.98 33.33
C TRP D 150 9.37 8.82 34.22
N LYS D 151 9.25 8.62 35.52
CA LYS D 151 10.07 9.34 36.48
C LYS D 151 10.68 8.37 37.49
N ALA D 152 11.94 8.63 37.83
CA ALA D 152 12.65 7.86 38.85
C ALA D 152 12.68 8.95 39.93
N ASP D 153 11.91 8.76 40.99
CA ASP D 153 11.79 9.77 42.03
C ASP D 153 11.21 10.96 41.28
N SER D 154 11.88 12.11 41.28
CA SER D 154 11.34 13.26 40.57
C SER D 154 12.08 13.54 39.27
N SER D 155 13.03 12.67 38.94
CA SER D 155 13.81 12.82 37.71
C SER D 155 13.20 12.04 36.55
N PRO D 156 13.26 12.62 35.34
CA PRO D 156 12.70 11.94 34.17
C PRO D 156 13.63 10.81 33.71
N VAL D 157 13.06 9.65 33.44
CA VAL D 157 13.84 8.51 32.97
C VAL D 157 13.42 8.18 31.54
N ARG D 158 14.38 8.15 30.63
CA ARG D 158 14.08 7.86 29.24
C ARG D 158 14.65 6.52 28.77
N ALA D 159 15.73 6.08 29.39
CA ALA D 159 16.34 4.82 29.01
C ALA D 159 15.51 3.65 29.56
N GLY D 160 15.44 2.57 28.79
CA GLY D 160 14.69 1.41 29.22
C GLY D 160 13.19 1.45 28.97
N VAL D 161 12.72 2.52 28.32
CA VAL D 161 11.28 2.65 28.05
C VAL D 161 10.84 2.21 26.65
N GLU D 162 9.73 1.50 26.60
CA GLU D 162 9.12 1.03 25.36
C GLU D 162 7.62 1.23 25.50
N THR D 163 7.04 2.00 24.60
CA THR D 163 5.62 2.29 24.64
C THR D 163 4.97 1.83 23.34
N THR D 164 3.85 1.12 23.46
CA THR D 164 3.16 0.61 22.28
C THR D 164 2.36 1.70 21.61
N THR D 165 1.94 1.43 20.38
CA THR D 165 1.09 2.37 19.65
C THR D 165 -0.28 2.18 20.27
N PRO D 166 -1.19 3.15 20.08
CA PRO D 166 -2.53 3.00 20.66
C PRO D 166 -3.27 1.99 19.78
N SER D 167 -4.14 1.18 20.41
CA SER D 167 -4.91 0.19 19.67
C SER D 167 -6.39 0.38 19.94
N LYS D 168 -7.17 0.45 18.86
CA LYS D 168 -8.61 0.66 19.00
C LYS D 168 -9.28 -0.56 19.60
N GLN D 169 -10.08 -0.33 20.63
CA GLN D 169 -10.82 -1.40 21.29
C GLN D 169 -12.17 -1.50 20.59
N SER D 170 -13.02 -2.43 21.03
CA SER D 170 -14.33 -2.59 20.42
C SER D 170 -15.22 -1.36 20.66
N ASN D 171 -15.11 -0.78 21.85
CA ASN D 171 -15.91 0.38 22.20
C ASN D 171 -15.46 1.65 21.46
N ASN D 172 -14.63 1.46 20.46
CA ASN D 172 -14.12 2.58 19.67
C ASN D 172 -13.11 3.44 20.43
N LYS D 173 -12.82 3.07 21.68
CA LYS D 173 -11.83 3.80 22.46
C LYS D 173 -10.49 3.10 22.26
N TYR D 174 -9.43 3.62 22.88
CA TYR D 174 -8.11 3.03 22.69
C TYR D 174 -7.38 2.57 23.95
N ALA D 175 -6.35 1.76 23.72
CA ALA D 175 -5.53 1.24 24.80
C ALA D 175 -4.08 1.21 24.35
N ALA D 176 -3.17 1.29 25.32
CA ALA D 176 -1.74 1.25 25.06
C ALA D 176 -1.07 0.82 26.36
N SER D 177 0.22 0.50 26.28
CA SER D 177 0.95 0.12 27.48
C SER D 177 2.38 0.57 27.33
N SER D 178 3.03 0.83 28.47
CA SER D 178 4.41 1.27 28.47
C SER D 178 5.18 0.44 29.48
N TYR D 179 6.37 0.01 29.10
CA TYR D 179 7.22 -0.81 29.94
C TYR D 179 8.53 -0.13 30.28
N LEU D 180 8.93 -0.19 31.54
CA LEU D 180 10.20 0.41 31.95
C LEU D 180 11.05 -0.73 32.49
N SER D 181 12.12 -1.06 31.76
CA SER D 181 13.04 -2.13 32.17
C SER D 181 14.17 -1.55 33.02
N LEU D 182 14.40 -2.16 34.18
CA LEU D 182 15.44 -1.71 35.11
C LEU D 182 16.19 -2.88 35.71
N THR D 183 17.32 -2.60 36.33
CA THR D 183 18.07 -3.64 37.02
C THR D 183 17.42 -3.62 38.39
N PRO D 184 17.53 -4.72 39.15
CA PRO D 184 16.91 -4.70 40.47
C PRO D 184 17.51 -3.59 41.35
N GLU D 185 18.78 -3.25 41.12
CA GLU D 185 19.42 -2.21 41.92
C GLU D 185 18.85 -0.83 41.66
N GLN D 186 18.48 -0.55 40.41
CA GLN D 186 17.88 0.74 40.07
C GLN D 186 16.53 0.86 40.75
N TRP D 187 15.73 -0.21 40.64
CA TRP D 187 14.40 -0.25 41.25
C TRP D 187 14.52 -0.01 42.75
N LYS D 188 15.52 -0.63 43.37
CA LYS D 188 15.70 -0.50 44.80
C LYS D 188 16.46 0.74 45.25
N SER D 189 17.15 1.41 44.32
CA SER D 189 17.92 2.60 44.70
C SER D 189 17.11 3.89 44.68
N HIS D 190 15.83 3.79 44.30
CA HIS D 190 14.97 4.98 44.28
C HIS D 190 13.80 4.83 45.23
N ARG D 191 13.23 5.97 45.66
CA ARG D 191 12.10 5.93 46.56
C ARG D 191 10.85 5.47 45.81
N SER D 192 10.72 5.90 44.56
CA SER D 192 9.57 5.53 43.76
C SER D 192 9.82 5.76 42.28
N TYR D 193 8.92 5.23 41.47
CA TYR D 193 8.95 5.39 40.02
C TYR D 193 7.52 5.74 39.65
N SER D 194 7.36 6.58 38.64
CA SER D 194 6.04 6.99 38.22
C SER D 194 5.82 6.91 36.71
N CYS D 195 4.59 6.60 36.33
CA CYS D 195 4.20 6.53 34.94
C CYS D 195 3.23 7.70 34.75
N GLN D 196 3.61 8.66 33.92
CA GLN D 196 2.76 9.83 33.68
C GLN D 196 2.19 9.78 32.27
N VAL D 197 0.87 9.72 32.18
CA VAL D 197 0.21 9.66 30.89
C VAL D 197 -0.51 10.97 30.59
N THR D 198 -0.11 11.63 29.50
CA THR D 198 -0.72 12.89 29.11
C THR D 198 -1.68 12.66 27.97
N HIS D 199 -2.89 13.20 28.12
CA HIS D 199 -3.94 13.05 27.11
C HIS D 199 -4.78 14.32 27.08
N GLU D 200 -4.85 14.93 25.90
CA GLU D 200 -5.63 16.15 25.73
C GLU D 200 -5.26 17.23 26.75
N GLY D 201 -3.96 17.47 26.92
CA GLY D 201 -3.50 18.49 27.84
C GLY D 201 -3.52 18.15 29.31
N SER D 202 -4.21 17.08 29.70
CA SER D 202 -4.27 16.68 31.09
C SER D 202 -3.40 15.44 31.33
N THR D 203 -2.81 15.37 32.52
CA THR D 203 -1.93 14.26 32.85
C THR D 203 -2.46 13.37 33.98
N VAL D 204 -2.36 12.06 33.77
CA VAL D 204 -2.78 11.07 34.75
C VAL D 204 -1.50 10.38 35.18
N GLU D 205 -1.26 10.31 36.49
CA GLU D 205 -0.05 9.68 36.99
C GLU D 205 -0.29 8.64 38.08
N LYS D 206 0.50 7.57 38.03
CA LYS D 206 0.44 6.50 39.03
C LYS D 206 1.88 6.27 39.48
N THR D 207 2.03 5.92 40.76
CA THR D 207 3.36 5.71 41.33
C THR D 207 3.44 4.43 42.15
N VAL D 208 4.60 3.77 42.08
CA VAL D 208 4.82 2.54 42.84
C VAL D 208 6.20 2.63 43.50
N ALA D 209 6.36 1.93 44.62
CA ALA D 209 7.62 1.95 45.35
C ALA D 209 8.07 0.55 45.77
N PRO D 210 9.39 0.36 45.95
CA PRO D 210 9.97 -0.92 46.35
C PRO D 210 9.23 -1.56 47.52
N THR D 211 8.71 -2.77 47.30
CA THR D 211 7.96 -3.50 48.31
C THR D 211 6.99 -2.58 49.05
N GLN E 1 2.92 10.73 -15.08
CA GLN E 1 2.89 9.25 -14.90
C GLN E 1 4.15 8.71 -14.23
N VAL E 2 4.97 9.61 -13.70
CA VAL E 2 6.19 9.19 -13.01
C VAL E 2 5.83 8.53 -11.69
N GLN E 3 6.31 7.32 -11.49
CA GLN E 3 6.03 6.58 -10.26
C GLN E 3 7.31 6.04 -9.67
N LEU E 4 7.28 5.79 -8.36
CA LEU E 4 8.42 5.25 -7.63
C LEU E 4 8.01 3.98 -6.90
N GLN E 5 8.93 3.02 -6.81
CA GLN E 5 8.67 1.78 -6.10
C GLN E 5 9.95 1.26 -5.48
N GLU E 6 9.91 1.01 -4.17
CA GLU E 6 11.08 0.52 -3.46
C GLU E 6 11.24 -0.98 -3.58
N SER E 7 12.48 -1.41 -3.46
CA SER E 7 12.83 -2.83 -3.51
C SER E 7 13.69 -3.04 -2.27
N GLY E 8 13.22 -3.88 -1.35
CA GLY E 8 13.94 -4.17 -0.12
C GLY E 8 13.99 -5.66 0.15
N PRO E 9 14.85 -6.12 1.08
CA PRO E 9 15.00 -7.54 1.43
C PRO E 9 13.96 -8.12 2.40
N GLY E 10 13.20 -7.25 3.06
CA GLY E 10 12.22 -7.73 4.00
C GLY E 10 12.82 -7.99 5.37
N LEU E 11 13.72 -8.98 5.47
CA LEU E 11 14.36 -9.29 6.73
C LEU E 11 15.88 -9.14 6.60
N VAL E 12 16.48 -8.52 7.59
CA VAL E 12 17.93 -8.32 7.63
C VAL E 12 18.38 -8.60 9.07
N LYS E 13 19.55 -9.19 9.23
CA LYS E 13 20.07 -9.50 10.56
C LYS E 13 20.97 -8.36 11.05
N PRO E 14 20.91 -8.05 12.36
CA PRO E 14 21.77 -6.98 12.88
C PRO E 14 23.23 -7.21 12.50
N SER E 15 23.93 -6.11 12.25
CA SER E 15 25.35 -6.09 11.85
C SER E 15 25.50 -6.19 10.33
N GLU E 16 24.47 -6.63 9.63
CA GLU E 16 24.56 -6.74 8.18
C GLU E 16 24.30 -5.38 7.54
N THR E 17 24.42 -5.33 6.22
CA THR E 17 24.19 -4.10 5.48
C THR E 17 22.85 -4.17 4.77
N LEU E 18 22.09 -3.09 4.84
CA LEU E 18 20.79 -3.02 4.19
C LEU E 18 20.99 -2.40 2.82
N SER E 19 20.47 -3.06 1.78
CA SER E 19 20.57 -2.55 0.42
C SER E 19 19.17 -2.32 -0.14
N LEU E 20 18.89 -1.10 -0.56
CA LEU E 20 17.59 -0.76 -1.13
C LEU E 20 17.77 -0.17 -2.52
N THR E 21 16.73 -0.33 -3.33
CA THR E 21 16.72 0.21 -4.67
C THR E 21 15.34 0.79 -4.93
N CYS E 22 15.31 1.90 -5.64
CA CYS E 22 14.06 2.57 -5.99
C CYS E 22 14.00 2.60 -7.51
N THR E 23 12.88 2.13 -8.06
CA THR E 23 12.71 2.13 -9.50
C THR E 23 11.75 3.25 -9.87
N VAL E 24 12.20 4.11 -10.78
CA VAL E 24 11.37 5.23 -11.25
C VAL E 24 10.90 4.90 -12.67
N SER E 25 9.59 4.92 -12.86
CA SER E 25 9.02 4.60 -14.16
C SER E 25 8.15 5.74 -14.68
N GLY E 26 7.94 5.75 -16.00
CA GLY E 26 7.12 6.78 -16.62
C GLY E 26 7.82 8.11 -16.81
N GLY E 27 9.12 8.16 -16.50
CA GLY E 27 9.88 9.38 -16.64
C GLY E 27 11.32 9.15 -16.26
N SER E 28 12.17 10.15 -16.48
CA SER E 28 13.59 10.03 -16.18
C SER E 28 13.99 10.58 -14.81
N ILE E 29 15.11 10.08 -14.29
CA ILE E 29 15.67 10.51 -13.01
C ILE E 29 16.31 11.88 -13.24
N SER E 30 16.64 12.15 -14.50
CA SER E 30 17.31 13.37 -14.88
C SER E 30 16.64 14.67 -14.45
N GLY E 31 17.44 15.61 -13.96
CA GLY E 31 16.92 16.90 -13.55
C GLY E 31 16.35 17.02 -12.15
N PHE E 32 16.37 15.94 -11.36
CA PHE E 32 15.84 16.00 -10.01
C PHE E 32 16.77 15.43 -8.94
N HIS E 33 16.47 15.78 -7.69
CA HIS E 33 17.19 15.26 -6.55
C HIS E 33 16.26 14.18 -6.01
N TRP E 34 16.83 13.08 -5.53
CA TRP E 34 16.03 11.98 -5.01
C TRP E 34 16.45 11.63 -3.59
N SER E 35 15.49 11.20 -2.78
CA SER E 35 15.78 10.87 -1.40
C SER E 35 15.19 9.58 -0.86
N TRP E 36 15.70 9.20 0.30
CA TRP E 36 15.23 8.05 1.04
C TRP E 36 14.76 8.65 2.35
N ILE E 37 13.59 8.20 2.80
CA ILE E 37 13.00 8.67 4.04
C ILE E 37 12.52 7.40 4.74
N ARG E 38 12.74 7.28 6.04
CA ARG E 38 12.27 6.08 6.73
C ARG E 38 11.36 6.43 7.90
N GLN E 39 10.62 5.45 8.36
CA GLN E 39 9.69 5.66 9.46
C GLN E 39 9.52 4.38 10.29
N PRO E 40 10.14 4.35 11.48
CA PRO E 40 9.99 3.15 12.30
C PRO E 40 8.53 3.02 12.71
N PRO E 41 8.05 1.79 12.87
CA PRO E 41 6.64 1.60 13.25
C PRO E 41 6.19 2.44 14.43
N GLY E 42 5.08 3.13 14.25
CA GLY E 42 4.53 3.98 15.31
C GLY E 42 5.29 5.26 15.57
N LYS E 43 6.38 5.50 14.83
CA LYS E 43 7.18 6.70 15.03
C LYS E 43 7.10 7.69 13.87
N GLY E 44 7.88 8.76 13.95
CA GLY E 44 7.87 9.77 12.91
C GLY E 44 8.80 9.52 11.74
N LEU E 45 8.76 10.43 10.76
CA LEU E 45 9.58 10.34 9.55
C LEU E 45 10.97 10.91 9.79
N GLU E 46 11.97 10.29 9.16
CA GLU E 46 13.35 10.74 9.26
C GLU E 46 14.00 10.70 7.87
N TYR E 47 14.52 11.85 7.46
CA TYR E 47 15.20 11.98 6.17
C TYR E 47 16.58 11.33 6.28
N ILE E 48 16.97 10.59 5.25
CA ILE E 48 18.25 9.89 5.24
C ILE E 48 19.30 10.64 4.41
N GLY E 49 18.88 11.18 3.28
CA GLY E 49 19.81 11.91 2.43
C GLY E 49 19.24 12.12 1.04
N TYR E 50 19.98 12.81 0.18
CA TYR E 50 19.51 13.02 -1.17
C TYR E 50 20.62 12.79 -2.17
N ILE E 51 20.23 12.52 -3.41
CA ILE E 51 21.20 12.32 -4.47
C ILE E 51 20.64 12.97 -5.72
N TYR E 52 21.45 13.82 -6.33
CA TYR E 52 21.09 14.52 -7.55
C TYR E 52 21.31 13.52 -8.69
N TYR E 53 20.54 13.66 -9.76
CA TYR E 53 20.64 12.74 -10.89
C TYR E 53 22.08 12.59 -11.40
N SER E 54 22.85 13.67 -11.30
CA SER E 54 24.23 13.68 -11.76
C SER E 54 25.18 12.95 -10.83
N GLY E 55 24.72 12.60 -9.63
CA GLY E 55 25.56 11.87 -8.71
C GLY E 55 25.92 12.52 -7.38
N SER E 56 25.79 13.84 -7.28
CA SER E 56 26.12 14.54 -6.03
C SER E 56 25.23 14.05 -4.90
N THR E 57 25.79 13.93 -3.70
CA THR E 57 25.04 13.45 -2.55
C THR E 57 25.14 14.35 -1.32
N SER E 58 24.24 14.11 -0.37
CA SER E 58 24.18 14.84 0.89
C SER E 58 23.46 13.90 1.84
N TYR E 59 24.11 13.55 2.94
CA TYR E 59 23.54 12.61 3.90
C TYR E 59 23.22 13.23 5.26
N ASN E 60 22.16 12.73 5.89
CA ASN E 60 21.77 13.21 7.21
C ASN E 60 22.95 12.94 8.14
N PRO E 61 23.48 13.99 8.79
CA PRO E 61 24.62 13.89 9.71
C PRO E 61 24.53 12.72 10.69
N SER E 62 23.33 12.45 11.19
CA SER E 62 23.14 11.37 12.16
C SER E 62 23.34 9.98 11.57
N LEU E 63 23.13 9.84 10.27
CA LEU E 63 23.29 8.54 9.60
C LEU E 63 24.55 8.49 8.75
N LYS E 64 25.19 9.64 8.58
CA LYS E 64 26.42 9.71 7.81
C LYS E 64 27.39 8.76 8.51
N SER E 65 28.28 8.15 7.75
CA SER E 65 29.26 7.19 8.25
C SER E 65 28.72 5.77 8.13
N ARG E 66 27.40 5.63 7.97
CA ARG E 66 26.77 4.33 7.81
C ARG E 66 26.01 4.33 6.49
N VAL E 67 25.84 5.52 5.91
CA VAL E 67 25.08 5.70 4.69
C VAL E 67 25.84 5.99 3.40
N SER E 68 25.28 5.51 2.30
CA SER E 68 25.84 5.74 0.98
C SER E 68 24.69 5.55 0.00
N MET E 69 24.59 6.46 -0.96
CA MET E 69 23.55 6.38 -1.98
C MET E 69 24.22 6.46 -3.33
N SER E 70 23.59 5.87 -4.33
CA SER E 70 24.14 5.90 -5.68
C SER E 70 23.00 6.00 -6.64
N VAL E 71 23.31 6.36 -7.89
CA VAL E 71 22.28 6.52 -8.90
C VAL E 71 22.71 5.78 -10.17
N ASP E 72 21.73 5.16 -10.82
CA ASP E 72 21.95 4.43 -12.05
C ASP E 72 21.00 4.98 -13.10
N THR E 73 21.42 6.01 -13.82
CA THR E 73 20.57 6.62 -14.84
C THR E 73 20.18 5.67 -15.97
N SER E 74 21.04 4.71 -16.30
CA SER E 74 20.74 3.77 -17.36
C SER E 74 19.52 2.91 -17.02
N ARG E 75 19.33 2.62 -15.74
CA ARG E 75 18.20 1.81 -15.31
C ARG E 75 17.14 2.66 -14.61
N ASN E 76 17.38 3.97 -14.61
CA ASN E 76 16.45 4.91 -14.01
C ASN E 76 16.15 4.51 -12.57
N GLN E 77 17.21 4.20 -11.83
CA GLN E 77 17.11 3.78 -10.44
C GLN E 77 18.14 4.50 -9.59
N PHE E 78 17.92 4.50 -8.28
CA PHE E 78 18.88 5.06 -7.34
C PHE E 78 18.78 4.13 -6.12
N SER E 79 19.87 4.02 -5.37
CA SER E 79 19.91 3.10 -4.25
C SER E 79 20.37 3.65 -2.91
N LEU E 80 20.23 2.82 -1.89
CA LEU E 80 20.66 3.15 -0.54
C LEU E 80 21.40 1.96 0.06
N GLU E 81 22.44 2.27 0.81
CA GLU E 81 23.25 1.26 1.49
C GLU E 81 23.39 1.75 2.93
N LEU E 82 22.86 0.98 3.87
CA LEU E 82 22.96 1.33 5.28
C LEU E 82 23.70 0.18 5.94
N SER E 83 24.90 0.45 6.45
CA SER E 83 25.72 -0.58 7.07
C SER E 83 25.46 -0.80 8.57
N SER E 84 25.93 -1.95 9.06
CA SER E 84 25.81 -2.33 10.46
C SER E 84 24.47 -1.97 11.10
N VAL E 85 23.39 -2.49 10.53
CA VAL E 85 22.06 -2.20 11.06
C VAL E 85 21.80 -2.84 12.42
N THR E 86 20.81 -2.31 13.11
CA THR E 86 20.38 -2.81 14.42
C THR E 86 18.86 -2.68 14.44
N ALA E 87 18.24 -3.16 15.50
CA ALA E 87 16.79 -3.09 15.63
C ALA E 87 16.28 -1.65 15.45
N ALA E 88 17.10 -0.68 15.80
CA ALA E 88 16.72 0.72 15.66
C ALA E 88 16.47 1.08 14.18
N ASP E 89 17.05 0.32 13.28
CA ASP E 89 16.89 0.57 11.85
C ASP E 89 15.64 -0.06 11.23
N THR E 90 14.87 -0.78 12.03
CA THR E 90 13.64 -1.39 11.55
C THR E 90 12.67 -0.26 11.26
N ALA E 91 12.17 -0.22 10.02
CA ALA E 91 11.24 0.84 9.63
C ALA E 91 10.77 0.66 8.19
N VAL E 92 9.78 1.46 7.82
CA VAL E 92 9.30 1.44 6.45
C VAL E 92 10.21 2.47 5.77
N TYR E 93 10.87 2.05 4.69
CA TYR E 93 11.75 2.95 3.94
C TYR E 93 11.06 3.40 2.66
N TYR E 94 11.01 4.72 2.48
CA TYR E 94 10.38 5.33 1.31
C TYR E 94 11.40 6.03 0.43
N CYS E 95 11.22 5.95 -0.89
CA CYS E 95 12.07 6.72 -1.77
C CYS E 95 11.14 7.83 -2.26
N ALA E 96 11.71 8.98 -2.59
CA ALA E 96 10.90 10.10 -3.01
C ALA E 96 11.64 11.06 -3.91
N ARG E 97 10.89 11.94 -4.58
CA ARG E 97 11.47 12.97 -5.44
C ARG E 97 11.40 14.24 -4.62
N ASP E 98 12.47 15.03 -4.65
CA ASP E 98 12.57 16.25 -3.86
C ASP E 98 12.34 17.56 -4.60
N PHE E 99 12.21 18.61 -3.81
CA PHE E 99 12.06 19.98 -4.31
C PHE E 99 12.57 20.87 -3.19
N GLY E 100 12.90 22.12 -3.51
CA GLY E 100 13.40 23.02 -2.49
C GLY E 100 14.02 24.28 -3.07
N GLU E 101 15.16 24.69 -2.53
CA GLU E 101 15.85 25.90 -2.99
C GLU E 101 17.34 25.68 -3.26
N TYR E 102 17.93 26.58 -4.04
CA TYR E 102 19.35 26.52 -4.35
C TYR E 102 20.05 27.78 -3.86
N HIS E 103 21.37 27.71 -3.83
CA HIS E 103 22.22 28.83 -3.41
C HIS E 103 23.57 28.68 -4.11
N TYR E 104 24.05 29.78 -4.71
CA TYR E 104 25.33 29.76 -5.40
C TYR E 104 26.48 30.08 -4.46
N ASP E 105 26.15 30.48 -3.24
CA ASP E 105 27.18 30.80 -2.25
C ASP E 105 27.81 29.51 -1.73
N GLY E 106 27.62 28.42 -2.46
CA GLY E 106 28.18 27.14 -2.06
C GLY E 106 27.25 26.28 -1.24
N ARG E 107 26.16 26.87 -0.75
CA ARG E 107 25.20 26.12 0.06
C ARG E 107 24.62 24.96 -0.73
N GLY E 108 24.39 25.17 -2.02
CA GLY E 108 23.84 24.12 -2.86
C GLY E 108 22.37 23.88 -2.63
N PHE E 109 21.90 22.70 -3.07
CA PHE E 109 20.50 22.35 -2.93
C PHE E 109 20.06 22.17 -1.48
N GLN E 110 18.92 22.78 -1.16
CA GLN E 110 18.34 22.69 0.17
C GLN E 110 17.02 21.94 -0.02
N CYS E 111 16.99 20.71 0.43
CA CYS E 111 15.81 19.87 0.29
C CYS E 111 14.74 20.26 1.31
N GLU E 112 13.67 20.88 0.84
CA GLU E 112 12.59 21.32 1.72
C GLU E 112 11.31 20.49 1.66
N GLY E 113 11.22 19.58 0.70
CA GLY E 113 10.03 18.75 0.59
C GLY E 113 10.14 17.59 -0.37
N PHE E 114 9.08 16.78 -0.42
CA PHE E 114 9.03 15.62 -1.29
C PHE E 114 7.66 15.53 -1.93
N ASP E 115 7.60 15.61 -3.26
CA ASP E 115 6.31 15.57 -3.94
C ASP E 115 5.82 14.18 -4.39
N LEU E 116 6.76 13.33 -4.80
CA LEU E 116 6.44 11.96 -5.22
C LEU E 116 7.02 10.97 -4.22
N TRP E 117 6.23 9.97 -3.84
CA TRP E 117 6.66 8.95 -2.88
C TRP E 117 6.38 7.53 -3.37
N GLY E 118 7.23 6.59 -2.95
CA GLY E 118 7.00 5.22 -3.31
C GLY E 118 6.02 4.72 -2.27
N GLN E 119 5.57 3.47 -2.38
CA GLN E 119 4.62 2.91 -1.42
C GLN E 119 5.34 2.56 -0.12
N GLY E 120 6.65 2.37 -0.22
CA GLY E 120 7.45 2.05 0.95
C GLY E 120 7.67 0.56 1.12
N THR E 121 8.81 0.19 1.70
CA THR E 121 9.11 -1.21 1.93
C THR E 121 9.52 -1.40 3.38
N LEU E 122 8.85 -2.34 4.05
CA LEU E 122 9.13 -2.61 5.45
C LEU E 122 10.38 -3.44 5.63
N VAL E 123 11.36 -2.88 6.33
CA VAL E 123 12.62 -3.58 6.60
C VAL E 123 12.60 -3.99 8.06
N THR E 124 12.65 -5.30 8.29
CA THR E 124 12.66 -5.84 9.65
C THR E 124 14.08 -6.29 9.98
N VAL E 125 14.65 -5.71 11.04
CA VAL E 125 15.99 -6.07 11.48
C VAL E 125 15.82 -6.93 12.73
N SER E 126 16.11 -8.23 12.58
CA SER E 126 15.95 -9.14 13.70
C SER E 126 16.77 -10.42 13.54
N SER E 127 17.31 -10.90 14.65
CA SER E 127 18.10 -12.12 14.67
C SER E 127 17.53 -13.05 15.74
N ALA E 128 16.40 -12.63 16.33
CA ALA E 128 15.76 -13.40 17.38
C ALA E 128 15.36 -14.80 16.94
N SER E 129 15.60 -15.79 17.81
CA SER E 129 15.25 -17.17 17.53
C SER E 129 13.99 -17.48 18.32
N THR E 130 13.27 -18.52 17.92
CA THR E 130 12.06 -18.92 18.61
C THR E 130 12.37 -19.11 20.09
N LYS E 131 11.55 -18.52 20.95
CA LYS E 131 11.76 -18.62 22.40
C LYS E 131 10.44 -18.45 23.15
N GLY E 132 10.15 -19.39 24.05
CA GLY E 132 8.92 -19.31 24.84
C GLY E 132 9.05 -18.21 25.88
N PRO E 133 7.93 -17.68 26.39
CA PRO E 133 7.98 -16.61 27.39
C PRO E 133 8.14 -17.03 28.84
N SER E 134 8.62 -16.10 29.65
CA SER E 134 8.75 -16.31 31.09
C SER E 134 7.50 -15.58 31.60
N VAL E 135 6.72 -16.21 32.46
CA VAL E 135 5.51 -15.58 32.96
C VAL E 135 5.64 -15.15 34.41
N PHE E 136 5.30 -13.90 34.70
CA PHE E 136 5.38 -13.36 36.05
C PHE E 136 4.02 -12.85 36.50
N PRO E 137 3.69 -13.01 37.78
CA PRO E 137 2.39 -12.54 38.25
C PRO E 137 2.41 -11.04 38.53
N LEU E 138 1.30 -10.39 38.23
CA LEU E 138 1.15 -8.97 38.50
C LEU E 138 0.10 -8.92 39.60
N ALA E 139 0.56 -8.98 40.84
CA ALA E 139 -0.31 -8.99 42.00
C ALA E 139 -1.18 -7.75 42.18
N PRO E 140 -2.40 -7.92 42.72
CA PRO E 140 -3.31 -6.81 42.96
C PRO E 140 -2.80 -6.02 44.15
N SER E 141 -2.87 -4.70 44.07
CA SER E 141 -2.38 -3.81 45.13
C SER E 141 -2.86 -4.26 46.51
N SER E 142 -2.06 -3.96 47.52
CA SER E 142 -2.37 -4.33 48.91
C SER E 142 -3.83 -4.05 49.26
N LYS E 143 -4.41 -4.94 50.07
CA LYS E 143 -5.80 -4.82 50.49
C LYS E 143 -6.00 -3.93 51.71
N SER E 144 -5.46 -2.72 51.66
CA SER E 144 -5.61 -1.78 52.77
C SER E 144 -6.85 -0.92 52.56
N THR E 145 -7.97 -1.36 53.13
CA THR E 145 -9.26 -0.65 53.02
C THR E 145 -9.97 -0.96 51.71
N SER E 146 -9.21 -1.36 50.70
CA SER E 146 -9.75 -1.67 49.38
C SER E 146 -11.00 -2.56 49.43
N GLY E 147 -12.04 -2.13 48.72
CA GLY E 147 -13.28 -2.89 48.69
C GLY E 147 -14.13 -2.61 47.47
N GLY E 148 -13.47 -2.26 46.36
CA GLY E 148 -14.19 -1.96 45.13
C GLY E 148 -13.71 -2.84 43.98
N THR E 149 -13.16 -2.21 42.94
CA THR E 149 -12.65 -2.94 41.79
C THR E 149 -11.12 -3.02 41.86
N ALA E 150 -10.57 -4.21 41.64
CA ALA E 150 -9.12 -4.40 41.70
C ALA E 150 -8.56 -4.98 40.41
N ALA E 151 -7.31 -4.66 40.12
CA ALA E 151 -6.66 -5.16 38.91
C ALA E 151 -5.51 -6.10 39.24
N LEU E 152 -5.44 -7.20 38.50
CA LEU E 152 -4.37 -8.17 38.69
C LEU E 152 -4.07 -8.73 37.31
N GLY E 153 -2.93 -9.39 37.16
CA GLY E 153 -2.63 -9.93 35.84
C GLY E 153 -1.38 -10.76 35.73
N CYS E 154 -0.95 -10.94 34.49
CA CYS E 154 0.24 -11.70 34.18
C CYS E 154 1.08 -10.99 33.15
N LEU E 155 2.39 -10.96 33.38
CA LEU E 155 3.33 -10.36 32.46
C LEU E 155 3.95 -11.49 31.67
N VAL E 156 3.75 -11.48 30.35
CA VAL E 156 4.28 -12.51 29.45
C VAL E 156 5.52 -11.88 28.82
N LYS E 157 6.68 -12.24 29.34
CA LYS E 157 7.94 -11.63 28.94
C LYS E 157 8.95 -12.37 28.08
N ASP E 158 9.61 -11.59 27.22
CA ASP E 158 10.66 -12.06 26.32
C ASP E 158 10.38 -13.31 25.50
N TYR E 159 9.45 -13.22 24.56
CA TYR E 159 9.11 -14.35 23.70
C TYR E 159 9.21 -13.93 22.23
N PHE E 160 9.35 -14.93 21.36
CA PHE E 160 9.44 -14.68 19.93
C PHE E 160 9.17 -15.98 19.20
N PRO E 161 8.42 -15.91 18.10
CA PRO E 161 7.83 -14.69 17.52
C PRO E 161 6.42 -14.50 18.07
N GLU E 162 5.74 -13.45 17.62
CA GLU E 162 4.35 -13.27 18.02
C GLU E 162 3.64 -14.41 17.29
N PRO E 163 2.46 -14.83 17.75
CA PRO E 163 1.72 -14.32 18.89
C PRO E 163 1.70 -15.31 20.04
N VAL E 164 1.11 -14.88 21.16
CA VAL E 164 0.96 -15.74 22.32
C VAL E 164 -0.51 -15.65 22.68
N THR E 165 -1.04 -16.70 23.31
CA THR E 165 -2.43 -16.74 23.71
C THR E 165 -2.52 -16.75 25.23
N VAL E 166 -3.48 -16.01 25.77
CA VAL E 166 -3.67 -15.95 27.20
C VAL E 166 -5.14 -16.14 27.57
N SER E 167 -5.39 -17.09 28.46
CA SER E 167 -6.74 -17.35 28.95
C SER E 167 -6.63 -17.33 30.46
N TRP E 168 -7.77 -17.28 31.14
CA TRP E 168 -7.77 -17.27 32.59
C TRP E 168 -8.65 -18.38 33.17
N ASN E 169 -8.18 -19.00 34.24
CA ASN E 169 -8.88 -20.09 34.91
C ASN E 169 -9.37 -21.13 33.90
N SER E 170 -8.48 -21.51 32.99
CA SER E 170 -8.76 -22.51 31.97
C SER E 170 -9.91 -22.16 31.02
N GLY E 171 -10.15 -20.87 30.82
CA GLY E 171 -11.20 -20.44 29.93
C GLY E 171 -12.51 -20.12 30.63
N ALA E 172 -12.58 -20.41 31.92
CA ALA E 172 -13.79 -20.16 32.70
C ALA E 172 -14.02 -18.67 32.96
N LEU E 173 -12.93 -17.91 33.02
CA LEU E 173 -12.99 -16.47 33.28
C LEU E 173 -12.73 -15.64 32.03
N THR E 174 -13.71 -14.86 31.62
CA THR E 174 -13.58 -14.03 30.43
C THR E 174 -13.96 -12.57 30.66
N SER E 175 -14.92 -12.33 31.55
CA SER E 175 -15.33 -10.95 31.80
C SER E 175 -14.29 -10.17 32.59
N GLY E 176 -14.03 -8.94 32.15
CA GLY E 176 -13.06 -8.11 32.83
C GLY E 176 -11.62 -8.40 32.43
N VAL E 177 -11.44 -9.26 31.43
CA VAL E 177 -10.10 -9.62 30.97
C VAL E 177 -9.68 -8.72 29.81
N HIS E 178 -8.49 -8.16 29.90
CA HIS E 178 -7.97 -7.30 28.84
C HIS E 178 -6.53 -7.67 28.57
N THR E 179 -6.29 -8.26 27.40
CA THR E 179 -4.93 -8.64 27.02
C THR E 179 -4.43 -7.56 26.07
N PHE E 180 -3.43 -6.81 26.52
CA PHE E 180 -2.83 -5.70 25.76
C PHE E 180 -1.84 -6.11 24.67
N PRO E 181 -1.83 -5.38 23.55
CA PRO E 181 -0.90 -5.68 22.45
C PRO E 181 0.51 -5.69 23.03
N ALA E 182 1.37 -6.52 22.46
CA ALA E 182 2.74 -6.64 22.94
C ALA E 182 3.64 -5.45 22.60
N VAL E 183 4.72 -5.33 23.36
CA VAL E 183 5.69 -4.28 23.13
C VAL E 183 6.91 -5.03 22.57
N LEU E 184 7.65 -4.41 21.69
CA LEU E 184 8.84 -5.03 21.11
C LEU E 184 10.07 -4.37 21.74
N GLN E 185 10.92 -5.17 22.38
CA GLN E 185 12.13 -4.66 23.03
C GLN E 185 13.29 -4.61 22.05
N SER E 186 14.32 -3.82 22.38
CA SER E 186 15.49 -3.69 21.51
C SER E 186 16.19 -5.02 21.34
N SER E 187 15.92 -5.95 22.27
CA SER E 187 16.50 -7.29 22.22
C SER E 187 15.89 -8.08 21.08
N GLY E 188 14.73 -7.62 20.60
CA GLY E 188 14.05 -8.31 19.53
C GLY E 188 12.97 -9.24 20.04
N LEU E 189 12.82 -9.29 21.36
CA LEU E 189 11.81 -10.16 21.96
C LEU E 189 10.61 -9.33 22.39
N TYR E 190 9.43 -9.94 22.35
CA TYR E 190 8.20 -9.27 22.72
C TYR E 190 7.80 -9.55 24.16
N SER E 191 6.94 -8.68 24.67
CA SER E 191 6.41 -8.80 26.01
C SER E 191 5.01 -8.20 25.98
N LEU E 192 4.07 -8.83 26.66
CA LEU E 192 2.72 -8.29 26.73
C LEU E 192 2.16 -8.57 28.11
N SER E 193 1.05 -7.96 28.44
CA SER E 193 0.43 -8.18 29.73
C SER E 193 -1.06 -8.42 29.56
N SER E 194 -1.60 -9.29 30.41
CA SER E 194 -3.03 -9.59 30.39
C SER E 194 -3.49 -9.21 31.78
N VAL E 195 -4.53 -8.37 31.85
CA VAL E 195 -5.04 -7.90 33.13
C VAL E 195 -6.53 -8.15 33.33
N VAL E 196 -6.87 -8.61 34.53
CA VAL E 196 -8.26 -8.88 34.86
C VAL E 196 -8.72 -7.86 35.89
N THR E 197 -9.88 -7.26 35.65
CA THR E 197 -10.46 -6.30 36.57
C THR E 197 -11.58 -7.05 37.28
N VAL E 198 -11.46 -7.17 38.60
CA VAL E 198 -12.45 -7.89 39.39
C VAL E 198 -12.76 -7.20 40.72
N PRO E 199 -13.95 -7.46 41.28
CA PRO E 199 -14.34 -6.87 42.56
C PRO E 199 -13.33 -7.26 43.64
N SER E 200 -13.10 -6.37 44.59
CA SER E 200 -12.14 -6.64 45.66
C SER E 200 -12.50 -7.88 46.47
N SER E 201 -13.80 -8.06 46.71
CA SER E 201 -14.29 -9.20 47.48
C SER E 201 -13.83 -10.57 46.97
N SER E 202 -13.98 -10.80 45.66
CA SER E 202 -13.60 -12.07 45.05
C SER E 202 -12.18 -12.51 45.38
N LEU E 203 -11.27 -11.55 45.53
CA LEU E 203 -9.88 -11.86 45.84
C LEU E 203 -9.71 -12.93 46.91
N GLY E 204 -10.71 -13.08 47.79
CA GLY E 204 -10.61 -14.08 48.83
C GLY E 204 -11.44 -15.33 48.59
N THR E 205 -12.45 -15.24 47.74
CA THR E 205 -13.33 -16.37 47.46
C THR E 205 -13.03 -17.09 46.15
N GLN E 206 -12.10 -16.57 45.37
CA GLN E 206 -11.77 -17.18 44.08
C GLN E 206 -10.29 -17.02 43.74
N THR E 207 -9.77 -17.95 42.93
CA THR E 207 -8.38 -17.90 42.54
C THR E 207 -8.25 -17.47 41.08
N TYR E 208 -7.09 -16.96 40.72
CA TYR E 208 -6.85 -16.50 39.36
C TYR E 208 -5.54 -17.07 38.83
N ILE E 209 -5.65 -17.81 37.73
CA ILE E 209 -4.50 -18.42 37.08
C ILE E 209 -4.53 -18.09 35.60
N CYS E 210 -3.46 -17.49 35.08
CA CYS E 210 -3.44 -17.19 33.66
C CYS E 210 -2.81 -18.38 32.98
N ASN E 211 -3.36 -18.76 31.84
CA ASN E 211 -2.87 -19.88 31.06
C ASN E 211 -2.26 -19.32 29.79
N VAL E 212 -0.94 -19.34 29.71
CA VAL E 212 -0.23 -18.80 28.55
C VAL E 212 0.22 -19.89 27.59
N ASN E 213 -0.08 -19.70 26.31
CA ASN E 213 0.28 -20.66 25.29
C ASN E 213 1.03 -19.94 24.17
N HIS E 214 2.25 -20.38 23.89
CA HIS E 214 3.06 -19.79 22.82
C HIS E 214 3.23 -20.91 21.80
N LYS E 215 2.21 -21.09 20.98
CA LYS E 215 2.20 -22.14 19.95
C LYS E 215 3.47 -22.27 19.12
N PRO E 216 4.04 -21.15 18.63
CA PRO E 216 5.27 -21.27 17.84
C PRO E 216 6.44 -21.98 18.52
N SER E 217 6.49 -21.98 19.85
CA SER E 217 7.55 -22.66 20.57
C SER E 217 6.96 -23.85 21.32
N ASN E 218 5.67 -24.07 21.10
CA ASN E 218 4.96 -25.16 21.75
C ASN E 218 5.18 -25.09 23.26
N THR E 219 5.07 -23.88 23.80
CA THR E 219 5.24 -23.64 25.22
C THR E 219 3.90 -23.33 25.88
N LYS E 220 3.68 -23.91 27.06
CA LYS E 220 2.45 -23.69 27.82
C LYS E 220 2.82 -23.44 29.27
N VAL E 221 2.36 -22.31 29.81
CA VAL E 221 2.68 -21.94 31.18
C VAL E 221 1.45 -21.42 31.94
N ASP E 222 1.27 -21.92 33.17
CA ASP E 222 0.18 -21.47 34.01
C ASP E 222 0.79 -20.72 35.17
N LYS E 223 0.19 -19.58 35.52
CA LYS E 223 0.73 -18.80 36.63
C LYS E 223 -0.39 -18.33 37.54
N LYS E 224 -0.32 -18.74 38.81
CA LYS E 224 -1.34 -18.33 39.77
C LYS E 224 -0.98 -16.91 40.21
N VAL E 225 -2.01 -16.06 40.30
CA VAL E 225 -1.79 -14.67 40.69
C VAL E 225 -2.58 -14.38 41.96
N GLU E 226 -1.85 -14.05 43.02
CA GLU E 226 -2.50 -13.75 44.29
C GLU E 226 -1.74 -12.65 45.04
N PRO E 227 -2.44 -11.89 45.89
CA PRO E 227 -1.77 -10.82 46.63
C PRO E 227 -0.58 -11.36 47.42
N LYS E 228 0.46 -10.55 47.55
CA LYS E 228 1.67 -10.96 48.28
C LYS E 228 1.65 -10.48 49.72
N LYS F 5 17.44 36.44 -4.39
CA LYS F 5 18.68 35.91 -5.02
C LYS F 5 18.66 34.38 -5.04
N ARG F 6 17.84 33.81 -4.16
CA ARG F 6 17.71 32.35 -4.05
C ARG F 6 16.72 31.86 -5.10
N ILE F 7 17.02 30.73 -5.72
CA ILE F 7 16.12 30.16 -6.73
C ILE F 7 15.28 29.04 -6.16
N HIS F 8 13.96 29.19 -6.26
CA HIS F 8 13.03 28.19 -5.76
C HIS F 8 12.71 27.14 -6.82
N ILE F 9 12.89 25.87 -6.46
CA ILE F 9 12.61 24.76 -7.36
C ILE F 9 11.39 24.04 -6.80
N GLY F 10 10.24 24.30 -7.41
CA GLY F 10 9.01 23.70 -6.93
C GLY F 10 8.76 22.25 -7.31
N PRO F 11 7.73 21.64 -6.73
CA PRO F 11 7.39 20.24 -7.01
C PRO F 11 7.29 19.97 -8.51
N GLY F 12 8.00 18.94 -8.97
CA GLY F 12 7.96 18.58 -10.37
C GLY F 12 8.74 19.46 -11.34
N ARG F 13 9.44 20.46 -10.81
CA ARG F 13 10.23 21.36 -11.65
C ARG F 13 11.65 20.82 -11.81
N ALA F 14 11.97 20.36 -13.02
CA ALA F 14 13.29 19.83 -13.30
C ALA F 14 14.30 20.99 -13.26
N PHE F 15 15.57 20.68 -12.99
CA PHE F 15 16.58 21.71 -12.93
C PHE F 15 17.97 21.11 -13.14
N TYR F 16 18.75 21.76 -14.01
CA TYR F 16 20.09 21.31 -14.29
C TYR F 16 21.06 22.41 -13.89
N THR F 17 21.81 22.16 -12.82
CA THR F 17 22.76 23.13 -12.29
C THR F 17 23.61 23.77 -13.37
N THR F 18 24.00 25.02 -13.13
CA THR F 18 24.81 25.82 -14.03
C THR F 18 25.50 25.01 -15.13
#